data_2J5C
#
_entry.id   2J5C
#
_cell.length_a   124.550
_cell.length_b   171.150
_cell.length_c   123.810
_cell.angle_alpha   90.00
_cell.angle_beta   90.00
_cell.angle_gamma   90.00
#
_symmetry.space_group_name_H-M   'C 2 2 21'
#
loop_
_entity.id
_entity.type
_entity.pdbx_description
1 polymer '1,8-CINEOLE SYNTHASE'
2 non-polymer BETA-MERCAPTOETHANOL
3 water water
#
_entity_poly.entity_id   1
_entity_poly.type   'polypeptide(L)'
_entity_poly.pdbx_seq_one_letter_code
;MRGSHHHHHHGMASMTGGQQMGRDLYDDDDKDRWIRTGGYQPTLWDFSTIQSFDSEYKEEKHLMRAAGMIDQVKMMLQEE
VDSIRRLELIDDLRRLGISCHFEREIVEILNSKYYTNNEIDERDLYSTALRFRLLRQYDFSVSQEVFDCFKNAKGTDFKP
SLVDDTRGLLQLYEASFLSAQGEETLRLARDFATKFLQKRVLVDKDINLLSSIERALELPTHWRVQMPNARSFIDAYKRR
PDMNPTVLELAKLDFNMVQAQFQQELKEASRWWNSTGLVHELPFVRDRIVECYYWTTGVVERRQHGYERIMLTKINALVT
TIDDVFDIYGTLEELQLFTTAIQRWDIESMKQLPPYMQICYLALFNFVNEMAYDTLRDKGFDSTPYLRKVWVGLIESYLI
EAKWYYKGHKPSLEEYMKNSWISIGGIPILSHLFFRLTDSIEEEAAESMHKYHDIVRASCTILRLADDMGTSLDEVERGD
VPKSVQCYMNEKNASEEEAREHVRSLIDQTWKMMNKEMMTSSFSKYFVEVSANLARMAQWIYQHESDGFGMQHSLVNKML
RDLLFHRYE
;
_entity_poly.pdbx_strand_id   A,B
#
# COMPACT_ATOMS: atom_id res chain seq x y z
N HIS A 62 -40.62 -39.96 10.25
CA HIS A 62 -40.61 -41.22 10.99
C HIS A 62 -39.21 -41.79 11.13
N LEU A 63 -38.67 -41.69 12.35
CA LEU A 63 -37.33 -42.21 12.58
C LEU A 63 -37.34 -43.72 12.70
N MET A 64 -38.48 -44.25 13.19
CA MET A 64 -38.65 -45.69 13.14
C MET A 64 -38.61 -46.17 11.69
N ARG A 65 -39.20 -45.34 10.80
CA ARG A 65 -39.32 -45.71 9.39
C ARG A 65 -37.98 -45.67 8.65
N ALA A 66 -37.15 -44.78 9.22
CA ALA A 66 -35.88 -44.50 8.61
C ALA A 66 -34.90 -45.61 8.94
N ALA A 67 -34.87 -45.93 10.23
CA ALA A 67 -33.99 -46.99 10.67
C ALA A 67 -34.29 -48.27 9.89
N GLY A 68 -35.56 -48.53 9.59
CA GLY A 68 -35.91 -49.76 8.89
C GLY A 68 -35.43 -49.77 7.45
N MET A 69 -35.67 -48.69 6.73
CA MET A 69 -35.33 -48.60 5.32
C MET A 69 -33.84 -48.79 5.10
N ILE A 70 -33.09 -48.31 6.09
CA ILE A 70 -31.64 -48.37 5.94
C ILE A 70 -31.16 -49.83 5.93
N ASP A 71 -31.79 -50.63 6.80
CA ASP A 71 -31.24 -51.96 7.01
C ASP A 71 -31.57 -52.79 5.78
N GLN A 72 -32.78 -52.53 5.27
CA GLN A 72 -33.21 -53.02 3.98
C GLN A 72 -32.17 -52.71 2.92
N VAL A 73 -31.92 -51.41 2.74
CA VAL A 73 -30.99 -51.02 1.69
C VAL A 73 -29.64 -51.69 1.88
N LYS A 74 -29.23 -51.79 3.16
CA LYS A 74 -27.99 -52.49 3.47
C LYS A 74 -28.03 -53.91 2.92
N MET A 75 -29.22 -54.52 3.12
CA MET A 75 -29.44 -55.87 2.62
C MET A 75 -29.35 -55.98 1.09
N MET A 76 -29.96 -55.01 0.36
CA MET A 76 -29.84 -55.09 -1.10
C MET A 76 -28.37 -55.07 -1.53
N LEU A 77 -27.60 -54.19 -0.86
CA LEU A 77 -26.18 -54.08 -1.20
C LEU A 77 -25.48 -55.42 -1.09
N GLN A 78 -25.77 -56.12 0.03
CA GLN A 78 -25.12 -57.40 0.30
C GLN A 78 -25.67 -58.52 -0.58
N GLU A 79 -26.96 -58.39 -0.95
CA GLU A 79 -27.64 -59.54 -1.57
C GLU A 79 -27.65 -59.46 -3.10
N GLU A 80 -27.50 -58.23 -3.63
CA GLU A 80 -27.51 -58.10 -5.08
C GLU A 80 -26.43 -58.97 -5.75
N VAL A 81 -26.87 -59.92 -6.60
CA VAL A 81 -25.90 -60.77 -7.29
C VAL A 81 -25.57 -60.28 -8.72
N ASP A 82 -26.39 -59.33 -9.24
CA ASP A 82 -26.04 -58.67 -10.50
C ASP A 82 -24.94 -57.62 -10.29
N SER A 83 -23.71 -58.01 -10.65
CA SER A 83 -22.56 -57.16 -10.31
C SER A 83 -22.68 -55.78 -10.99
N ILE A 84 -23.39 -55.69 -12.15
CA ILE A 84 -23.61 -54.36 -12.73
C ILE A 84 -24.64 -53.51 -11.97
N ARG A 85 -25.75 -54.14 -11.60
CA ARG A 85 -26.79 -53.45 -10.84
C ARG A 85 -26.27 -53.03 -9.46
N ARG A 86 -25.33 -53.80 -8.92
CA ARG A 86 -24.67 -53.42 -7.68
C ARG A 86 -23.95 -52.07 -7.77
N LEU A 87 -23.14 -51.90 -8.83
CA LEU A 87 -22.45 -50.64 -8.98
C LEU A 87 -23.42 -49.47 -9.16
N GLU A 88 -24.49 -49.76 -9.93
CA GLU A 88 -25.49 -48.74 -10.15
C GLU A 88 -26.08 -48.24 -8.84
N LEU A 89 -26.47 -49.20 -7.97
CA LEU A 89 -27.04 -48.87 -6.68
C LEU A 89 -26.06 -48.05 -5.83
N ILE A 90 -24.80 -48.50 -5.88
CA ILE A 90 -23.76 -47.78 -5.15
C ILE A 90 -23.65 -46.32 -5.63
N ASP A 91 -23.62 -46.14 -6.96
CA ASP A 91 -23.57 -44.79 -7.53
C ASP A 91 -24.82 -43.96 -7.16
N ASP A 92 -26.00 -44.57 -7.28
CA ASP A 92 -27.27 -43.90 -6.95
C ASP A 92 -27.29 -43.38 -5.50
N LEU A 93 -26.82 -44.24 -4.56
CA LEU A 93 -26.84 -43.86 -3.14
C LEU A 93 -26.07 -42.57 -2.88
N ARG A 94 -24.87 -42.47 -3.51
CA ARG A 94 -24.08 -41.26 -3.34
C ARG A 94 -24.83 -40.03 -3.83
N ARG A 95 -25.34 -40.12 -5.05
CA ARG A 95 -26.04 -39.01 -5.67
C ARG A 95 -27.36 -38.61 -5.02
N LEU A 96 -28.03 -39.57 -4.40
CA LEU A 96 -29.30 -39.29 -3.72
C LEU A 96 -29.04 -38.62 -2.37
N GLY A 97 -27.78 -38.66 -1.93
CA GLY A 97 -27.37 -38.01 -0.69
C GLY A 97 -27.28 -38.97 0.49
N ILE A 98 -27.55 -40.27 0.24
CA ILE A 98 -27.60 -41.19 1.40
C ILE A 98 -26.47 -42.22 1.52
N SER A 99 -25.36 -41.97 0.81
CA SER A 99 -24.26 -42.94 0.90
C SER A 99 -23.57 -43.07 2.29
N CYS A 100 -23.63 -41.99 3.12
CA CYS A 100 -23.00 -42.08 4.44
C CYS A 100 -23.45 -43.30 5.29
N HIS A 101 -24.74 -43.70 5.14
CA HIS A 101 -25.24 -44.81 5.94
C HIS A 101 -24.49 -46.08 5.60
N PHE A 102 -24.00 -46.10 4.35
CA PHE A 102 -23.51 -47.36 3.82
C PHE A 102 -22.03 -47.30 3.48
N GLU A 103 -21.31 -46.24 3.93
CA GLU A 103 -19.94 -46.03 3.44
C GLU A 103 -19.02 -47.26 3.63
N ARG A 104 -18.94 -47.76 4.87
CA ARG A 104 -18.08 -48.93 5.11
C ARG A 104 -18.48 -50.12 4.23
N GLU A 105 -19.81 -50.35 4.09
CA GLU A 105 -20.31 -51.45 3.27
C GLU A 105 -19.90 -51.33 1.79
N ILE A 106 -20.02 -50.09 1.27
CA ILE A 106 -19.65 -49.82 -0.12
C ILE A 106 -18.17 -50.08 -0.37
N VAL A 107 -17.32 -49.53 0.52
CA VAL A 107 -15.90 -49.75 0.37
C VAL A 107 -15.57 -51.24 0.42
N GLU A 108 -16.18 -51.97 1.34
CA GLU A 108 -15.91 -53.40 1.45
C GLU A 108 -16.27 -54.12 0.15
N ILE A 109 -17.44 -53.76 -0.41
CA ILE A 109 -17.88 -54.39 -1.65
C ILE A 109 -16.94 -54.10 -2.81
N LEU A 110 -16.52 -52.82 -2.93
CA LEU A 110 -15.62 -52.44 -4.01
C LEU A 110 -14.27 -53.16 -3.89
N ASN A 111 -13.78 -53.25 -2.67
CA ASN A 111 -12.53 -53.95 -2.39
C ASN A 111 -12.59 -55.46 -2.71
N SER A 112 -13.70 -56.13 -2.28
CA SER A 112 -13.73 -57.60 -2.38
C SER A 112 -14.31 -58.14 -3.70
N LYS A 113 -14.97 -57.26 -4.50
CA LYS A 113 -15.69 -57.79 -5.66
C LYS A 113 -15.39 -57.05 -6.97
N TYR A 114 -14.68 -55.91 -6.84
CA TYR A 114 -14.37 -55.17 -8.05
C TYR A 114 -12.87 -54.84 -8.14
N TYR A 115 -12.33 -54.38 -7.00
CA TYR A 115 -10.90 -54.11 -6.91
C TYR A 115 -10.10 -55.42 -6.88
N THR A 116 -10.69 -56.40 -6.18
CA THR A 116 -10.25 -57.78 -6.31
C THR A 116 -11.43 -58.67 -6.65
N ASN A 117 -11.12 -59.89 -7.14
CA ASN A 117 -12.18 -60.81 -7.56
C ASN A 117 -13.18 -60.11 -8.49
N ASN A 118 -12.65 -59.21 -9.33
CA ASN A 118 -13.52 -58.37 -10.15
C ASN A 118 -14.57 -59.19 -10.93
N GLU A 119 -15.82 -58.71 -10.83
CA GLU A 119 -16.94 -59.44 -11.41
C GLU A 119 -17.37 -58.80 -12.74
N ILE A 120 -16.68 -57.71 -13.11
CA ILE A 120 -17.06 -56.97 -14.30
C ILE A 120 -16.36 -57.50 -15.55
N ASP A 121 -17.15 -57.64 -16.61
CA ASP A 121 -16.65 -58.05 -17.91
C ASP A 121 -15.81 -56.90 -18.48
N GLU A 122 -14.48 -57.08 -18.46
CA GLU A 122 -13.55 -56.07 -18.95
C GLU A 122 -13.77 -55.70 -20.41
N ARG A 123 -14.68 -56.41 -21.09
CA ARG A 123 -14.95 -56.15 -22.50
C ARG A 123 -16.20 -55.31 -22.69
N ASP A 124 -16.88 -54.98 -21.59
CA ASP A 124 -18.09 -54.18 -21.66
C ASP A 124 -17.74 -52.74 -21.29
N LEU A 125 -18.00 -51.80 -22.20
CA LEU A 125 -17.73 -50.38 -21.94
C LEU A 125 -18.47 -49.82 -20.70
N TYR A 126 -19.81 -49.91 -20.71
CA TYR A 126 -20.63 -49.42 -19.58
C TYR A 126 -20.05 -49.84 -18.23
N SER A 127 -19.85 -51.17 -18.13
CA SER A 127 -19.43 -51.77 -16.86
C SER A 127 -18.02 -51.34 -16.51
N THR A 128 -17.15 -51.50 -17.51
CA THR A 128 -15.77 -51.12 -17.28
C THR A 128 -15.61 -49.66 -16.82
N ALA A 129 -16.37 -48.73 -17.47
CA ALA A 129 -16.24 -47.31 -17.11
C ALA A 129 -16.80 -47.02 -15.71
N LEU A 130 -17.99 -47.59 -15.45
CA LEU A 130 -18.59 -47.37 -14.14
C LEU A 130 -17.67 -47.87 -13.02
N ARG A 131 -17.09 -49.05 -13.22
CA ARG A 131 -16.17 -49.63 -12.24
C ARG A 131 -14.95 -48.72 -12.07
N PHE A 132 -14.47 -48.18 -13.17
CA PHE A 132 -13.31 -47.29 -13.15
C PHE A 132 -13.61 -46.06 -12.29
N ARG A 133 -14.72 -45.39 -12.60
CA ARG A 133 -15.07 -44.18 -11.87
C ARG A 133 -15.28 -44.43 -10.37
N LEU A 134 -16.14 -45.43 -10.04
CA LEU A 134 -16.42 -45.68 -8.63
C LEU A 134 -15.17 -46.10 -7.84
N LEU A 135 -14.27 -46.83 -8.53
CA LEU A 135 -13.04 -47.26 -7.87
C LEU A 135 -12.15 -46.06 -7.53
N ARG A 136 -11.94 -45.18 -8.52
CA ARG A 136 -11.14 -43.99 -8.27
C ARG A 136 -11.84 -43.04 -7.31
N GLN A 137 -13.16 -43.01 -7.36
CA GLN A 137 -13.92 -42.16 -6.47
C GLN A 137 -13.63 -42.55 -5.01
N TYR A 138 -13.54 -43.85 -4.75
CA TYR A 138 -13.27 -44.32 -3.40
C TYR A 138 -11.79 -44.60 -3.14
N ASP A 139 -10.94 -43.90 -3.89
CA ASP A 139 -9.49 -43.96 -3.77
C ASP A 139 -8.82 -45.33 -3.96
N PHE A 140 -9.33 -46.13 -4.89
CA PHE A 140 -8.72 -47.41 -5.21
C PHE A 140 -7.90 -47.16 -6.44
N SER A 141 -6.71 -47.79 -6.52
CA SER A 141 -5.92 -47.62 -7.75
C SER A 141 -6.43 -48.48 -8.92
N VAL A 142 -6.69 -47.81 -10.07
CA VAL A 142 -6.99 -48.54 -11.31
C VAL A 142 -6.50 -47.76 -12.54
N SER A 143 -5.75 -48.48 -13.41
CA SER A 143 -5.09 -47.82 -14.53
C SER A 143 -6.08 -47.45 -15.64
N GLN A 144 -5.66 -46.44 -16.39
CA GLN A 144 -6.41 -45.94 -17.55
C GLN A 144 -6.43 -47.01 -18.63
N GLU A 145 -5.50 -47.99 -18.48
CA GLU A 145 -5.42 -49.04 -19.48
C GLU A 145 -6.67 -49.95 -19.56
N VAL A 146 -7.56 -49.94 -18.51
CA VAL A 146 -8.82 -50.73 -18.61
C VAL A 146 -9.60 -50.34 -19.88
N PHE A 147 -9.22 -49.18 -20.47
CA PHE A 147 -9.92 -48.68 -21.65
C PHE A 147 -9.20 -49.04 -22.98
N ASP A 148 -7.99 -49.66 -22.87
CA ASP A 148 -7.23 -49.97 -24.07
C ASP A 148 -8.04 -50.88 -24.99
N CYS A 149 -8.90 -51.67 -24.34
CA CYS A 149 -9.64 -52.69 -25.05
C CYS A 149 -10.66 -52.09 -26.01
N PHE A 150 -10.91 -50.78 -25.85
CA PHE A 150 -11.99 -50.14 -26.61
C PHE A 150 -11.46 -49.22 -27.71
N LYS A 151 -10.13 -49.10 -27.76
CA LYS A 151 -9.55 -48.19 -28.73
C LYS A 151 -9.39 -48.86 -30.11
N ASN A 152 -9.06 -48.03 -31.11
CA ASN A 152 -9.11 -48.55 -32.47
C ASN A 152 -7.89 -49.43 -32.80
N ALA A 153 -7.95 -50.06 -33.99
CA ALA A 153 -6.84 -50.89 -34.41
C ALA A 153 -5.49 -50.22 -34.18
N LYS A 154 -5.44 -48.93 -34.59
CA LYS A 154 -4.17 -48.20 -34.51
C LYS A 154 -3.80 -47.83 -33.06
N GLY A 155 -4.83 -47.75 -32.19
CA GLY A 155 -4.59 -47.42 -30.79
C GLY A 155 -4.66 -45.90 -30.58
N THR A 156 -5.14 -45.19 -31.61
CA THR A 156 -4.97 -43.75 -31.63
C THR A 156 -6.23 -43.02 -31.13
N ASP A 157 -7.31 -43.80 -30.98
CA ASP A 157 -8.64 -43.28 -30.66
C ASP A 157 -9.65 -44.42 -30.47
N PHE A 158 -10.83 -44.07 -29.97
CA PHE A 158 -11.77 -45.11 -29.56
C PHE A 158 -12.57 -45.61 -30.76
N LYS A 159 -12.81 -46.96 -30.75
CA LYS A 159 -13.54 -47.61 -31.85
C LYS A 159 -14.81 -46.87 -32.20
N PRO A 160 -14.87 -46.56 -33.50
CA PRO A 160 -15.99 -45.87 -34.09
C PRO A 160 -17.33 -46.58 -33.79
N SER A 161 -17.25 -47.90 -33.57
CA SER A 161 -18.46 -48.69 -33.34
C SER A 161 -19.09 -48.38 -31.98
N LEU A 162 -18.37 -47.61 -31.12
CA LEU A 162 -18.91 -47.33 -29.80
C LEU A 162 -20.03 -46.29 -29.84
N VAL A 163 -20.07 -45.51 -30.95
CA VAL A 163 -21.05 -44.43 -31.01
C VAL A 163 -22.47 -44.96 -30.81
N ASP A 164 -22.69 -46.26 -30.91
CA ASP A 164 -24.05 -46.80 -30.75
C ASP A 164 -24.34 -47.17 -29.28
N ASP A 165 -23.28 -47.17 -28.44
CA ASP A 165 -23.49 -47.48 -27.03
C ASP A 165 -23.63 -46.21 -26.19
N THR A 166 -24.86 -45.67 -26.18
CA THR A 166 -25.07 -44.37 -25.57
C THR A 166 -24.75 -44.39 -24.07
N ARG A 167 -25.44 -45.27 -23.33
CA ARG A 167 -25.16 -45.33 -21.89
C ARG A 167 -23.69 -45.64 -21.60
N GLY A 168 -23.07 -46.38 -22.54
CA GLY A 168 -21.67 -46.70 -22.40
C GLY A 168 -20.82 -45.44 -22.59
N LEU A 169 -21.20 -44.62 -23.56
CA LEU A 169 -20.48 -43.39 -23.82
C LEU A 169 -20.63 -42.45 -22.63
N LEU A 170 -21.82 -42.40 -22.05
CA LEU A 170 -22.07 -41.52 -20.90
C LEU A 170 -21.15 -41.88 -19.76
N GLN A 171 -21.03 -43.17 -19.43
CA GLN A 171 -20.16 -43.56 -18.34
C GLN A 171 -18.68 -43.33 -18.68
N LEU A 172 -18.32 -43.45 -19.96
CA LEU A 172 -16.94 -43.23 -20.36
C LEU A 172 -16.60 -41.76 -20.14
N TYR A 173 -17.56 -40.91 -20.48
CA TYR A 173 -17.44 -39.45 -20.31
C TYR A 173 -17.23 -39.14 -18.83
N GLU A 174 -18.14 -39.61 -17.99
CA GLU A 174 -18.06 -39.38 -16.55
C GLU A 174 -16.74 -39.87 -15.98
N ALA A 175 -16.34 -41.07 -16.39
CA ALA A 175 -15.10 -41.67 -15.91
C ALA A 175 -13.87 -40.85 -16.27
N SER A 176 -13.86 -40.25 -17.46
CA SER A 176 -12.70 -39.47 -17.91
C SER A 176 -12.33 -38.30 -16.99
N PHE A 177 -13.29 -37.85 -16.15
CA PHE A 177 -12.97 -36.69 -15.31
C PHE A 177 -12.19 -37.07 -14.06
N LEU A 178 -12.07 -38.39 -13.81
CA LEU A 178 -11.28 -38.84 -12.67
C LEU A 178 -9.78 -38.84 -13.00
N SER A 179 -9.46 -38.15 -14.11
CA SER A 179 -8.11 -38.22 -14.66
C SER A 179 -7.11 -37.38 -13.86
N ALA A 180 -5.89 -37.93 -13.70
CA ALA A 180 -4.78 -37.11 -13.28
C ALA A 180 -4.07 -36.49 -14.48
N GLN A 181 -2.87 -35.94 -14.32
CA GLN A 181 -2.17 -35.35 -15.46
C GLN A 181 -1.45 -36.43 -16.27
N GLY A 182 -1.39 -36.25 -17.59
CA GLY A 182 -0.70 -37.20 -18.44
C GLY A 182 -1.36 -38.55 -18.68
N GLU A 183 -2.68 -38.63 -18.58
CA GLU A 183 -3.36 -39.90 -18.84
C GLU A 183 -4.06 -39.72 -20.18
N GLU A 184 -3.27 -39.81 -21.24
CA GLU A 184 -3.71 -39.58 -22.62
C GLU A 184 -4.96 -40.39 -22.99
N THR A 185 -5.02 -41.65 -22.50
CA THR A 185 -6.18 -42.46 -22.86
C THR A 185 -7.49 -41.87 -22.31
N LEU A 186 -7.41 -41.26 -21.11
CA LEU A 186 -8.56 -40.58 -20.54
C LEU A 186 -8.91 -39.27 -21.27
N ARG A 187 -7.85 -38.59 -21.78
CA ARG A 187 -8.11 -37.40 -22.58
C ARG A 187 -8.84 -37.75 -23.88
N LEU A 188 -8.33 -38.81 -24.54
CA LEU A 188 -9.03 -39.35 -25.70
C LEU A 188 -10.49 -39.70 -25.39
N ALA A 189 -10.72 -40.33 -24.21
CA ALA A 189 -12.09 -40.69 -23.84
C ALA A 189 -13.01 -39.46 -23.75
N ARG A 190 -12.55 -38.44 -23.01
CA ARG A 190 -13.40 -37.25 -22.88
C ARG A 190 -13.79 -36.71 -24.24
N ASP A 191 -12.76 -36.40 -25.04
CA ASP A 191 -13.02 -35.85 -26.36
C ASP A 191 -13.96 -36.75 -27.16
N PHE A 192 -13.71 -38.06 -27.20
CA PHE A 192 -14.53 -38.96 -28.00
C PHE A 192 -15.97 -39.01 -27.49
N ALA A 193 -16.10 -39.20 -26.16
CA ALA A 193 -17.45 -39.34 -25.61
C ALA A 193 -18.24 -38.03 -25.68
N THR A 194 -17.59 -36.88 -25.39
CA THR A 194 -18.29 -35.60 -25.54
C THR A 194 -18.79 -35.37 -26.97
N LYS A 195 -17.91 -35.67 -27.92
CA LYS A 195 -18.19 -35.53 -29.33
C LYS A 195 -19.46 -36.27 -29.78
N PHE A 196 -19.65 -37.51 -29.26
CA PHE A 196 -20.77 -38.32 -29.71
C PHE A 196 -21.93 -38.38 -28.70
N LEU A 197 -21.96 -37.38 -27.79
CA LEU A 197 -23.12 -37.24 -26.89
C LEU A 197 -23.82 -35.92 -27.16
N GLN A 198 -23.11 -35.05 -27.88
CA GLN A 198 -23.47 -33.64 -27.88
C GLN A 198 -24.72 -33.30 -28.70
N LYS A 199 -24.93 -34.03 -29.80
CA LYS A 199 -26.10 -33.72 -30.63
C LYS A 199 -26.60 -34.92 -31.40
N ARG A 200 -27.76 -35.45 -31.02
CA ARG A 200 -28.07 -36.75 -31.55
C ARG A 200 -29.52 -37.23 -31.40
N VAL A 201 -29.96 -37.93 -32.48
CA VAL A 201 -31.23 -38.62 -32.47
C VAL A 201 -31.30 -39.64 -31.33
N ASP A 206 -34.79 -43.83 -24.00
CA ASP A 206 -35.22 -43.42 -22.67
C ASP A 206 -35.28 -41.91 -22.62
N ILE A 207 -36.35 -41.49 -21.94
CA ILE A 207 -36.53 -40.06 -21.76
C ILE A 207 -35.64 -39.63 -20.62
N ASN A 208 -35.41 -40.66 -19.77
CA ASN A 208 -34.55 -40.55 -18.61
C ASN A 208 -33.07 -40.58 -18.98
N LEU A 209 -32.70 -41.25 -20.10
CA LEU A 209 -31.29 -41.23 -20.51
C LEU A 209 -30.84 -39.87 -21.11
N LEU A 210 -31.76 -39.36 -21.92
CA LEU A 210 -31.51 -38.07 -22.56
C LEU A 210 -31.20 -37.06 -21.49
N SER A 211 -31.91 -37.28 -20.39
CA SER A 211 -31.91 -36.35 -19.29
C SER A 211 -30.57 -36.42 -18.55
N SER A 212 -30.13 -37.66 -18.33
CA SER A 212 -28.85 -37.86 -17.66
C SER A 212 -27.70 -37.19 -18.43
N ILE A 213 -27.81 -37.33 -19.77
CA ILE A 213 -26.78 -36.81 -20.65
C ILE A 213 -26.64 -35.29 -20.59
N GLU A 214 -27.79 -34.61 -20.71
CA GLU A 214 -27.75 -33.15 -20.72
C GLU A 214 -27.12 -32.61 -19.43
N ARG A 215 -27.52 -33.23 -18.30
CA ARG A 215 -26.93 -32.84 -17.03
C ARG A 215 -25.42 -33.11 -16.96
N ALA A 216 -25.00 -34.28 -17.50
CA ALA A 216 -23.57 -34.57 -17.47
C ALA A 216 -22.72 -33.58 -18.30
N LEU A 217 -23.21 -33.28 -19.54
CA LEU A 217 -22.50 -32.28 -20.34
C LEU A 217 -22.48 -30.91 -19.67
N GLU A 218 -23.52 -30.63 -18.86
CA GLU A 218 -23.53 -29.34 -18.16
C GLU A 218 -22.49 -29.32 -17.01
N LEU A 219 -22.44 -30.45 -16.28
CA LEU A 219 -21.50 -30.58 -15.16
C LEU A 219 -21.31 -32.06 -14.85
N PRO A 220 -20.08 -32.57 -15.06
CA PRO A 220 -19.81 -33.99 -14.79
C PRO A 220 -20.01 -34.35 -13.32
N THR A 221 -20.45 -35.57 -13.06
CA THR A 221 -20.74 -35.98 -11.68
C THR A 221 -19.53 -35.81 -10.73
N HIS A 222 -18.32 -35.99 -11.25
CA HIS A 222 -17.15 -35.84 -10.38
C HIS A 222 -16.95 -34.38 -9.94
N TRP A 223 -17.58 -33.46 -10.68
CA TRP A 223 -17.49 -32.04 -10.34
C TRP A 223 -18.70 -31.55 -9.54
N ARG A 224 -19.63 -32.48 -9.26
CA ARG A 224 -20.87 -32.05 -8.61
C ARG A 224 -20.78 -32.20 -7.10
N VAL A 225 -21.13 -31.13 -6.39
CA VAL A 225 -21.29 -31.36 -4.93
C VAL A 225 -22.46 -32.33 -4.59
N GLN A 226 -22.52 -32.82 -3.31
CA GLN A 226 -23.55 -33.80 -2.95
C GLN A 226 -24.94 -33.18 -2.60
N MET A 227 -25.06 -32.67 -1.36
CA MET A 227 -26.36 -32.19 -0.86
C MET A 227 -27.07 -31.18 -1.78
N PRO A 228 -26.34 -30.11 -2.22
CA PRO A 228 -26.96 -29.08 -3.05
C PRO A 228 -27.41 -29.63 -4.44
N ASN A 229 -26.92 -30.85 -4.78
CA ASN A 229 -27.36 -31.50 -6.03
C ASN A 229 -28.40 -32.64 -5.80
N ALA A 230 -28.55 -33.07 -4.52
CA ALA A 230 -29.36 -34.26 -4.25
C ALA A 230 -30.80 -34.13 -4.77
N ARG A 231 -31.42 -32.95 -4.52
CA ARG A 231 -32.84 -32.80 -4.93
C ARG A 231 -33.06 -33.12 -6.42
N SER A 232 -32.23 -32.53 -7.30
CA SER A 232 -32.42 -32.77 -8.74
C SER A 232 -32.20 -34.25 -9.12
N PHE A 233 -31.39 -34.94 -8.33
CA PHE A 233 -31.22 -36.36 -8.60
C PHE A 233 -32.41 -37.17 -8.13
N ILE A 234 -32.86 -36.85 -6.89
CA ILE A 234 -34.04 -37.53 -6.40
C ILE A 234 -35.17 -37.37 -7.40
N ASP A 235 -35.34 -36.15 -7.90
CA ASP A 235 -36.39 -35.86 -8.89
C ASP A 235 -36.23 -36.76 -10.11
N ALA A 236 -35.00 -36.94 -10.57
CA ALA A 236 -34.77 -37.76 -11.74
C ALA A 236 -34.91 -39.25 -11.44
N TYR A 237 -34.48 -39.62 -10.23
CA TYR A 237 -34.45 -41.03 -9.86
C TYR A 237 -35.87 -41.61 -9.68
N LYS A 238 -36.79 -40.73 -9.21
CA LYS A 238 -38.16 -41.20 -9.05
C LYS A 238 -38.89 -41.38 -10.39
N ARG A 239 -38.28 -40.83 -11.45
CA ARG A 239 -38.85 -41.00 -12.80
C ARG A 239 -38.21 -42.17 -13.56
N ARG A 240 -37.37 -42.97 -12.85
CA ARG A 240 -36.78 -44.10 -13.55
C ARG A 240 -37.58 -45.37 -13.33
N PRO A 241 -37.93 -46.00 -14.46
CA PRO A 241 -38.79 -47.18 -14.45
C PRO A 241 -38.27 -48.24 -13.47
N ASP A 242 -36.93 -48.28 -13.33
CA ASP A 242 -36.36 -49.35 -12.52
C ASP A 242 -36.02 -48.88 -11.11
N MET A 243 -36.67 -47.79 -10.69
CA MET A 243 -36.26 -47.24 -9.42
C MET A 243 -36.88 -47.97 -8.25
N ASN A 244 -36.14 -47.90 -7.13
CA ASN A 244 -36.58 -48.61 -5.94
C ASN A 244 -37.30 -47.70 -4.92
N PRO A 245 -38.57 -48.07 -4.67
CA PRO A 245 -39.43 -47.33 -3.75
C PRO A 245 -38.82 -47.11 -2.35
N THR A 246 -38.22 -48.16 -1.75
CA THR A 246 -37.49 -47.95 -0.50
C THR A 246 -36.38 -46.89 -0.61
N VAL A 247 -35.45 -47.11 -1.57
CA VAL A 247 -34.35 -46.15 -1.76
C VAL A 247 -34.88 -44.72 -1.89
N LEU A 248 -35.85 -44.58 -2.80
CA LEU A 248 -36.48 -43.26 -2.89
C LEU A 248 -37.01 -42.74 -1.54
N GLU A 249 -37.83 -43.56 -0.86
CA GLU A 249 -38.42 -43.09 0.38
C GLU A 249 -37.36 -42.62 1.36
N LEU A 250 -36.26 -43.40 1.41
CA LEU A 250 -35.20 -43.08 2.34
C LEU A 250 -34.45 -41.82 1.88
N ALA A 251 -34.38 -41.62 0.58
CA ALA A 251 -33.72 -40.44 0.04
C ALA A 251 -34.48 -39.17 0.41
N LYS A 252 -35.80 -39.21 0.28
CA LYS A 252 -36.63 -38.05 0.57
C LYS A 252 -36.70 -37.76 2.07
N LEU A 253 -36.94 -38.82 2.84
CA LEU A 253 -37.05 -38.61 4.28
C LEU A 253 -35.75 -38.07 4.83
N ASP A 254 -34.68 -38.56 4.19
CA ASP A 254 -33.36 -38.25 4.69
C ASP A 254 -32.95 -36.83 4.34
N PHE A 255 -33.36 -36.51 3.10
CA PHE A 255 -33.19 -35.15 2.65
C PHE A 255 -33.78 -34.17 3.67
N ASN A 256 -35.06 -34.45 4.01
CA ASN A 256 -35.79 -33.56 4.90
C ASN A 256 -35.16 -33.49 6.29
N MET A 257 -34.57 -34.59 6.74
CA MET A 257 -33.93 -34.58 8.05
C MET A 257 -32.66 -33.75 8.01
N VAL A 258 -31.88 -33.88 6.94
CA VAL A 258 -30.65 -33.10 6.82
C VAL A 258 -31.02 -31.63 6.66
N GLN A 259 -32.13 -31.36 5.96
CA GLN A 259 -32.56 -29.99 5.77
C GLN A 259 -32.88 -29.34 7.11
N ALA A 260 -33.48 -30.16 8.01
CA ALA A 260 -33.75 -29.68 9.34
C ALA A 260 -32.47 -29.37 10.13
N GLN A 261 -31.47 -30.23 9.94
CA GLN A 261 -30.21 -29.93 10.57
C GLN A 261 -29.60 -28.63 10.03
N PHE A 262 -29.67 -28.45 8.70
CA PHE A 262 -29.12 -27.23 8.10
C PHE A 262 -29.81 -25.97 8.67
N GLN A 263 -31.13 -26.02 8.80
CA GLN A 263 -31.87 -24.92 9.38
C GLN A 263 -31.40 -24.53 10.79
N GLN A 264 -31.07 -25.53 11.66
CA GLN A 264 -30.56 -25.13 12.97
C GLN A 264 -29.21 -24.45 12.85
N GLU A 265 -28.32 -25.11 12.12
CA GLU A 265 -27.01 -24.50 11.95
C GLU A 265 -27.14 -23.07 11.42
N LEU A 266 -28.00 -22.93 10.38
CA LEU A 266 -28.26 -21.60 9.83
C LEU A 266 -28.72 -20.60 10.89
N LYS A 267 -29.66 -21.03 11.75
CA LYS A 267 -30.10 -20.12 12.80
C LYS A 267 -28.94 -19.71 13.72
N GLU A 268 -28.03 -20.66 13.99
CA GLU A 268 -26.90 -20.33 14.86
C GLU A 268 -25.91 -19.40 14.16
N ALA A 269 -25.65 -19.66 12.86
CA ALA A 269 -24.86 -18.70 12.10
C ALA A 269 -25.50 -17.29 12.09
N SER A 270 -26.83 -17.24 11.87
CA SER A 270 -27.51 -15.93 11.83
C SER A 270 -27.39 -15.19 13.18
N ARG A 271 -27.54 -15.96 14.26
CA ARG A 271 -27.36 -15.38 15.59
C ARG A 271 -25.96 -14.77 15.76
N TRP A 272 -24.94 -15.50 15.31
CA TRP A 272 -23.58 -14.97 15.41
C TRP A 272 -23.46 -13.70 14.57
N TRP A 273 -23.96 -13.75 13.34
CA TRP A 273 -23.86 -12.57 12.47
C TRP A 273 -24.53 -11.36 13.10
N ASN A 274 -25.74 -11.60 13.68
CA ASN A 274 -26.44 -10.51 14.35
C ASN A 274 -25.56 -9.93 15.48
N SER A 275 -24.92 -10.85 16.23
CA SER A 275 -24.15 -10.39 17.39
C SER A 275 -22.95 -9.49 17.01
N THR A 276 -22.44 -9.62 15.75
CA THR A 276 -21.33 -8.74 15.34
C THR A 276 -21.76 -7.29 15.19
N GLY A 277 -23.02 -7.09 14.78
CA GLY A 277 -23.53 -5.74 14.58
C GLY A 277 -22.92 -5.08 13.36
N LEU A 278 -22.24 -5.93 12.55
CA LEU A 278 -21.58 -5.38 11.38
C LEU A 278 -22.59 -4.82 10.36
N VAL A 279 -23.80 -5.42 10.32
CA VAL A 279 -24.74 -4.85 9.38
C VAL A 279 -25.02 -3.34 9.63
N HIS A 280 -24.99 -2.92 10.93
CA HIS A 280 -25.31 -1.54 11.27
C HIS A 280 -24.12 -0.60 11.04
N GLU A 281 -22.90 -1.17 11.25
CA GLU A 281 -21.71 -0.33 11.16
C GLU A 281 -21.21 -0.20 9.71
N LEU A 282 -21.67 -1.14 8.85
CA LEU A 282 -21.25 -1.17 7.45
C LEU A 282 -22.42 -1.20 6.49
N PRO A 283 -23.14 -0.07 6.28
CA PRO A 283 -24.27 -0.10 5.37
C PRO A 283 -23.83 -0.23 3.92
N ARG A 286 -25.20 -5.75 4.18
CA ARG A 286 -26.48 -6.18 4.71
C ARG A 286 -26.57 -7.72 4.70
N ASP A 287 -27.63 -8.29 5.33
CA ASP A 287 -27.64 -9.74 5.56
C ASP A 287 -27.39 -10.59 4.28
N ARG A 288 -26.31 -11.35 4.34
CA ARG A 288 -25.92 -12.15 3.20
C ARG A 288 -25.80 -13.62 3.60
N ILE A 289 -26.12 -13.77 4.88
CA ILE A 289 -25.58 -14.88 5.64
C ILE A 289 -26.21 -16.22 5.21
N VAL A 290 -27.43 -16.16 4.64
CA VAL A 290 -27.95 -17.36 3.99
C VAL A 290 -27.01 -17.81 2.87
N GLU A 291 -26.59 -16.85 2.03
CA GLU A 291 -25.68 -17.19 0.95
C GLU A 291 -24.39 -17.78 1.49
N CYS A 292 -23.82 -17.06 2.47
CA CYS A 292 -22.61 -17.53 3.11
C CYS A 292 -22.80 -18.95 3.65
N TYR A 293 -23.97 -19.19 4.27
CA TYR A 293 -24.19 -20.56 4.76
C TYR A 293 -24.28 -21.63 3.64
N TYR A 294 -25.01 -21.31 2.56
CA TYR A 294 -25.35 -22.21 1.47
C TYR A 294 -24.10 -22.84 0.87
N TRP A 295 -23.03 -22.00 0.80
CA TRP A 295 -21.71 -22.51 0.36
C TRP A 295 -21.33 -23.75 1.14
N THR A 296 -21.50 -23.63 2.48
CA THR A 296 -21.02 -24.70 3.35
C THR A 296 -21.71 -26.04 3.19
N THR A 297 -22.96 -26.05 2.75
CA THR A 297 -23.66 -27.33 2.59
C THR A 297 -22.97 -28.15 1.49
N GLY A 298 -22.17 -27.48 0.67
CA GLY A 298 -21.46 -28.18 -0.40
C GLY A 298 -19.99 -28.44 -0.10
N VAL A 299 -19.37 -27.54 0.65
CA VAL A 299 -17.94 -27.68 0.92
C VAL A 299 -17.69 -28.70 2.03
N VAL A 300 -18.62 -28.72 3.00
CA VAL A 300 -18.49 -29.64 4.13
C VAL A 300 -19.57 -30.72 4.09
N GLU A 301 -19.25 -31.86 3.43
CA GLU A 301 -20.29 -32.83 3.04
C GLU A 301 -20.78 -33.71 4.21
N ARG A 302 -19.88 -33.95 5.18
CA ARG A 302 -20.16 -34.88 6.26
C ARG A 302 -21.08 -34.25 7.31
N ARG A 303 -21.90 -35.12 7.90
CA ARG A 303 -23.06 -34.65 8.63
C ARG A 303 -22.68 -34.27 10.05
N GLN A 304 -21.73 -35.05 10.62
CA GLN A 304 -21.21 -34.73 11.94
C GLN A 304 -20.61 -33.32 11.98
N HIS A 305 -20.28 -32.78 10.80
CA HIS A 305 -19.48 -31.56 10.84
C HIS A 305 -20.35 -30.29 10.84
N GLY A 306 -21.46 -30.30 11.64
CA GLY A 306 -22.30 -29.09 11.80
C GLY A 306 -21.48 -27.87 12.29
N TYR A 307 -20.55 -28.10 13.28
CA TYR A 307 -19.74 -26.98 13.78
C TYR A 307 -18.90 -26.33 12.68
N GLU A 308 -18.33 -27.16 11.84
CA GLU A 308 -17.51 -26.69 10.72
C GLU A 308 -18.31 -25.90 9.69
N ARG A 309 -19.57 -26.27 9.45
CA ARG A 309 -20.38 -25.51 8.48
C ARG A 309 -20.70 -24.13 9.03
N ILE A 310 -20.99 -24.06 10.33
CA ILE A 310 -21.29 -22.79 10.98
C ILE A 310 -20.01 -21.94 10.99
N MET A 311 -18.89 -22.59 11.29
CA MET A 311 -17.61 -21.87 11.29
C MET A 311 -17.29 -21.31 9.91
N LEU A 312 -17.50 -22.14 8.88
CA LEU A 312 -17.16 -21.73 7.53
C LEU A 312 -18.05 -20.57 7.08
N THR A 313 -19.27 -20.56 7.63
CA THR A 313 -20.17 -19.44 7.37
C THR A 313 -19.60 -18.13 7.91
N LYS A 314 -19.03 -18.19 9.14
CA LYS A 314 -18.40 -17.00 9.68
C LYS A 314 -17.26 -16.51 8.79
N ILE A 315 -16.41 -17.47 8.37
CA ILE A 315 -15.28 -17.11 7.54
C ILE A 315 -15.76 -16.47 6.24
N ASN A 316 -16.72 -17.13 5.61
CA ASN A 316 -17.23 -16.56 4.39
C ASN A 316 -17.71 -15.13 4.60
N ALA A 317 -18.45 -14.94 5.71
CA ALA A 317 -19.03 -13.62 5.98
C ALA A 317 -17.93 -12.59 6.27
N LEU A 318 -16.90 -13.01 7.02
CA LEU A 318 -15.82 -12.09 7.35
C LEU A 318 -14.98 -11.77 6.10
N VAL A 319 -14.80 -12.75 5.23
CA VAL A 319 -14.00 -12.54 4.03
C VAL A 319 -14.70 -11.59 3.07
N THR A 320 -15.99 -11.90 2.88
CA THR A 320 -16.79 -11.09 1.98
C THR A 320 -16.88 -9.64 2.46
N THR A 321 -17.05 -9.50 3.79
CA THR A 321 -17.14 -8.16 4.37
C THR A 321 -15.86 -7.37 4.13
N ILE A 322 -14.74 -8.03 4.44
CA ILE A 322 -13.47 -7.34 4.29
C ILE A 322 -13.13 -7.07 2.82
N ASP A 323 -13.46 -8.04 1.95
CA ASP A 323 -13.26 -7.84 0.50
C ASP A 323 -13.98 -6.59 0.00
N ASP A 324 -15.19 -6.37 0.55
CA ASP A 324 -15.95 -5.18 0.18
C ASP A 324 -15.25 -3.91 0.66
N VAL A 325 -14.61 -4.02 1.85
CA VAL A 325 -13.90 -2.86 2.38
C VAL A 325 -12.77 -2.44 1.45
N PHE A 326 -12.05 -3.43 0.94
CA PHE A 326 -10.92 -3.16 0.04
C PHE A 326 -11.35 -2.80 -1.36
N ASP A 327 -12.42 -3.42 -1.83
CA ASP A 327 -12.81 -3.24 -3.21
C ASP A 327 -13.67 -1.98 -3.43
N ILE A 328 -14.32 -1.49 -2.35
CA ILE A 328 -15.38 -0.48 -2.54
C ILE A 328 -15.39 0.66 -1.50
N TYR A 329 -15.01 0.38 -0.24
CA TYR A 329 -15.29 1.40 0.81
C TYR A 329 -14.06 2.23 1.22
N GLY A 330 -12.93 1.52 1.43
CA GLY A 330 -11.79 2.15 2.08
C GLY A 330 -10.92 2.92 1.06
N THR A 331 -10.26 3.96 1.58
CA THR A 331 -9.31 4.73 0.78
C THR A 331 -8.03 3.91 0.84
N LEU A 332 -7.13 4.12 -0.10
CA LEU A 332 -5.89 3.35 -0.06
C LEU A 332 -5.17 3.51 1.29
N GLU A 333 -5.18 4.74 1.81
CA GLU A 333 -4.52 5.00 3.08
C GLU A 333 -5.10 4.12 4.19
N GLU A 334 -6.44 4.10 4.26
CA GLU A 334 -7.09 3.26 5.25
C GLU A 334 -6.71 1.78 5.07
N LEU A 335 -6.71 1.36 3.78
CA LEU A 335 -6.29 0.01 3.43
C LEU A 335 -4.88 -0.34 3.93
N GLN A 336 -3.93 0.60 3.76
CA GLN A 336 -2.60 0.37 4.33
C GLN A 336 -2.67 0.20 5.84
N LEU A 337 -3.46 1.07 6.49
CA LEU A 337 -3.63 0.99 7.93
C LEU A 337 -4.14 -0.40 8.36
N PHE A 338 -5.19 -0.84 7.70
CA PHE A 338 -5.84 -2.11 8.02
C PHE A 338 -4.88 -3.27 7.82
N THR A 339 -4.19 -3.24 6.68
CA THR A 339 -3.32 -4.35 6.33
C THR A 339 -2.19 -4.46 7.35
N THR A 340 -1.68 -3.28 7.71
CA THR A 340 -0.61 -3.21 8.67
C THR A 340 -1.04 -3.71 10.05
N ALA A 341 -2.30 -3.37 10.41
CA ALA A 341 -2.84 -3.88 11.67
C ALA A 341 -2.91 -5.40 11.69
N ILE A 342 -3.39 -5.93 10.56
CA ILE A 342 -3.45 -7.39 10.39
C ILE A 342 -2.06 -8.01 10.50
N GLN A 343 -1.05 -7.34 9.94
CA GLN A 343 0.33 -7.81 10.06
C GLN A 343 0.79 -7.87 11.52
N ARG A 344 0.46 -6.81 12.27
CA ARG A 344 0.82 -6.78 13.69
C ARG A 344 0.07 -7.86 14.46
N TRP A 345 -1.18 -8.08 14.03
CA TRP A 345 -2.09 -9.01 14.71
C TRP A 345 -2.10 -8.82 16.24
N ASP A 346 -2.42 -7.60 16.65
CA ASP A 346 -2.50 -7.23 18.06
C ASP A 346 -3.67 -6.30 18.35
N ILE A 347 -3.74 -5.81 19.60
CA ILE A 347 -4.82 -4.91 19.96
C ILE A 347 -4.38 -3.44 19.89
N GLU A 348 -3.05 -3.24 20.06
CA GLU A 348 -2.49 -1.89 19.95
C GLU A 348 -2.83 -1.23 18.62
N SER A 349 -2.86 -2.02 17.55
CA SER A 349 -3.23 -1.53 16.23
C SER A 349 -4.63 -0.92 16.17
N MET A 350 -5.53 -1.32 17.10
CA MET A 350 -6.82 -0.61 17.11
C MET A 350 -6.66 0.94 17.12
N LYS A 351 -5.53 1.42 17.70
CA LYS A 351 -5.28 2.86 17.78
C LYS A 351 -5.31 3.53 16.39
N GLN A 352 -4.76 2.82 15.39
CA GLN A 352 -4.51 3.43 14.08
C GLN A 352 -5.78 3.48 13.21
N LEU A 353 -6.77 2.61 13.55
CA LEU A 353 -7.88 2.39 12.61
C LEU A 353 -9.10 3.29 12.89
N PRO A 354 -9.78 3.68 11.80
CA PRO A 354 -11.00 4.49 11.87
C PRO A 354 -12.07 3.54 12.43
N PRO A 355 -13.13 4.09 13.04
CA PRO A 355 -14.21 3.27 13.61
C PRO A 355 -14.72 2.05 12.84
N TYR A 356 -15.05 2.22 11.56
CA TYR A 356 -15.55 1.07 10.83
C TYR A 356 -14.53 -0.05 10.69
N MET A 357 -13.23 0.31 10.66
CA MET A 357 -12.20 -0.72 10.55
C MET A 357 -11.87 -1.34 11.89
N GLN A 358 -12.05 -0.59 12.97
CA GLN A 358 -11.76 -1.13 14.29
C GLN A 358 -12.64 -2.33 14.59
N ILE A 359 -13.88 -2.24 14.10
CA ILE A 359 -14.84 -3.28 14.43
C ILE A 359 -14.83 -4.41 13.38
N CYS A 360 -14.34 -4.11 12.17
CA CYS A 360 -14.08 -5.17 11.20
C CYS A 360 -12.88 -6.01 11.62
N TYR A 361 -11.84 -5.24 11.96
CA TYR A 361 -10.62 -5.86 12.45
C TYR A 361 -10.87 -6.72 13.69
N LEU A 362 -11.52 -6.14 14.71
CA LEU A 362 -11.66 -6.91 15.95
C LEU A 362 -12.63 -8.09 15.81
N ALA A 363 -13.64 -7.93 14.92
CA ALA A 363 -14.51 -9.08 14.68
C ALA A 363 -13.72 -10.25 14.11
N LEU A 364 -12.86 -9.96 13.13
CA LEU A 364 -12.05 -11.01 12.53
C LEU A 364 -11.07 -11.56 13.56
N PHE A 365 -10.39 -10.65 14.24
CA PHE A 365 -9.39 -10.99 15.25
C PHE A 365 -9.93 -11.95 16.32
N ASN A 366 -11.07 -11.60 16.92
CA ASN A 366 -11.67 -12.46 17.94
C ASN A 366 -12.13 -13.83 17.39
N PHE A 367 -12.81 -13.81 16.22
CA PHE A 367 -13.19 -15.10 15.59
C PHE A 367 -11.97 -16.04 15.47
N VAL A 368 -10.91 -15.52 14.78
CA VAL A 368 -9.73 -16.34 14.52
C VAL A 368 -9.06 -16.83 15.80
N ASN A 369 -8.97 -15.92 16.79
CA ASN A 369 -8.35 -16.31 18.05
C ASN A 369 -9.21 -17.33 18.81
N GLU A 370 -10.53 -17.28 18.63
CA GLU A 370 -11.40 -18.25 19.27
C GLU A 370 -11.15 -19.62 18.63
N MET A 371 -10.98 -19.68 17.31
CA MET A 371 -10.71 -20.95 16.64
C MET A 371 -9.38 -21.53 17.11
N ALA A 372 -8.40 -20.61 17.29
CA ALA A 372 -7.09 -21.05 17.78
C ALA A 372 -7.20 -21.62 19.20
N TYR A 373 -8.01 -20.95 20.04
CA TYR A 373 -8.19 -21.48 21.39
C TYR A 373 -8.73 -22.90 21.33
N ASP A 374 -9.80 -23.09 20.54
CA ASP A 374 -10.42 -24.41 20.49
C ASP A 374 -9.40 -25.51 20.12
N THR A 375 -8.52 -25.18 19.13
CA THR A 375 -7.52 -26.15 18.68
C THR A 375 -6.46 -26.41 19.74
N LEU A 376 -6.10 -25.35 20.49
CA LEU A 376 -5.12 -25.53 21.56
C LEU A 376 -5.71 -26.40 22.66
N ARG A 377 -6.97 -26.13 23.00
CA ARG A 377 -7.67 -26.87 24.04
C ARG A 377 -7.90 -28.33 23.64
N ASP A 378 -8.44 -28.54 22.44
CA ASP A 378 -8.79 -29.92 22.01
C ASP A 378 -7.60 -30.78 21.54
N LYS A 379 -6.62 -30.16 20.83
CA LYS A 379 -5.56 -30.97 20.19
C LYS A 379 -4.14 -30.65 20.72
N GLY A 380 -4.07 -29.78 21.75
CA GLY A 380 -2.74 -29.42 22.29
C GLY A 380 -1.79 -28.85 21.23
N PHE A 381 -2.37 -28.20 20.19
CA PHE A 381 -1.52 -27.62 19.13
C PHE A 381 -1.80 -26.13 18.98
N ASP A 382 -0.71 -25.35 18.94
CA ASP A 382 -0.80 -23.91 18.80
C ASP A 382 -0.86 -23.55 17.31
N SER A 383 -2.05 -23.27 16.82
CA SER A 383 -2.21 -22.94 15.41
C SER A 383 -2.10 -21.46 15.11
N THR A 384 -1.85 -20.61 16.11
CA THR A 384 -1.82 -19.18 15.84
C THR A 384 -0.87 -18.70 14.74
N PRO A 385 0.37 -19.24 14.69
CA PRO A 385 1.26 -18.81 13.63
C PRO A 385 0.73 -19.16 12.21
N TYR A 386 0.01 -20.31 12.10
CA TYR A 386 -0.53 -20.67 10.77
C TYR A 386 -1.76 -19.84 10.38
N LEU A 387 -2.68 -19.63 11.36
CA LEU A 387 -3.86 -18.81 10.97
C LEU A 387 -3.46 -17.39 10.72
N ARG A 388 -2.47 -16.86 11.42
CA ARG A 388 -2.04 -15.48 11.13
C ARG A 388 -1.49 -15.42 9.70
N LYS A 389 -0.69 -16.44 9.35
CA LYS A 389 -0.11 -16.50 8.00
C LYS A 389 -1.17 -16.38 6.91
N VAL A 390 -2.23 -17.21 7.03
CA VAL A 390 -3.24 -17.20 5.96
C VAL A 390 -4.06 -15.90 5.92
N TRP A 391 -4.35 -15.34 7.10
CA TRP A 391 -5.13 -14.08 7.07
C TRP A 391 -4.27 -12.87 6.64
N VAL A 392 -3.01 -12.78 7.12
CA VAL A 392 -2.21 -11.70 6.55
C VAL A 392 -1.99 -11.89 5.04
N GLY A 393 -1.81 -13.16 4.64
CA GLY A 393 -1.65 -13.46 3.22
C GLY A 393 -2.86 -13.02 2.39
N LEU A 394 -4.07 -13.26 2.93
CA LEU A 394 -5.27 -12.81 2.21
C LEU A 394 -5.33 -11.29 2.12
N ILE A 395 -5.25 -10.63 3.27
CA ILE A 395 -5.32 -9.18 3.32
C ILE A 395 -4.23 -8.52 2.48
N GLU A 396 -3.00 -9.02 2.57
CA GLU A 396 -1.92 -8.45 1.77
C GLU A 396 -2.20 -8.62 0.28
N SER A 397 -2.83 -9.73 -0.11
CA SER A 397 -3.18 -9.89 -1.52
C SER A 397 -4.25 -8.88 -1.98
N TYR A 398 -5.15 -8.54 -1.03
CA TYR A 398 -6.14 -7.49 -1.32
C TYR A 398 -5.44 -6.18 -1.68
N LEU A 399 -4.55 -5.78 -0.76
CA LEU A 399 -3.83 -4.52 -0.91
C LEU A 399 -2.97 -4.51 -2.17
N ILE A 400 -2.33 -5.62 -2.52
CA ILE A 400 -1.57 -5.72 -3.77
C ILE A 400 -2.46 -5.39 -4.96
N GLU A 401 -3.67 -5.95 -4.91
CA GLU A 401 -4.63 -5.72 -5.99
C GLU A 401 -5.10 -4.27 -6.00
N ALA A 402 -5.33 -3.73 -4.78
CA ALA A 402 -5.76 -2.34 -4.70
C ALA A 402 -4.67 -1.39 -5.21
N LYS A 403 -3.43 -1.69 -4.89
CA LYS A 403 -2.32 -0.86 -5.33
C LYS A 403 -2.13 -0.89 -6.85
N TRP A 404 -2.50 -1.99 -7.50
CA TRP A 404 -2.37 -2.09 -8.95
C TRP A 404 -3.09 -0.94 -9.65
N TYR A 405 -4.32 -0.66 -9.20
CA TYR A 405 -5.11 0.40 -9.79
C TYR A 405 -4.41 1.76 -9.74
N TYR A 406 -3.88 2.12 -8.58
CA TYR A 406 -3.20 3.41 -8.43
C TYR A 406 -1.91 3.54 -9.21
N LYS A 407 -1.26 2.41 -9.51
CA LYS A 407 -0.01 2.41 -10.26
C LYS A 407 -0.26 2.20 -11.74
N GLY A 408 -1.54 2.04 -12.10
CA GLY A 408 -1.91 1.83 -13.50
C GLY A 408 -1.36 0.50 -14.01
N HIS A 409 -1.06 -0.38 -13.04
CA HIS A 409 -0.39 -1.64 -13.29
C HIS A 409 -1.38 -2.66 -13.89
N LYS A 410 -0.98 -3.24 -15.03
CA LYS A 410 -1.83 -4.23 -15.67
C LYS A 410 -1.12 -5.56 -15.82
N PRO A 411 -1.39 -6.46 -14.87
CA PRO A 411 -0.62 -7.68 -14.70
C PRO A 411 -0.84 -8.66 -15.85
N SER A 412 0.22 -9.40 -16.19
CA SER A 412 0.04 -10.56 -17.05
C SER A 412 -0.73 -11.64 -16.32
N LEU A 413 -1.36 -12.56 -17.09
CA LEU A 413 -2.13 -13.67 -16.50
C LEU A 413 -1.31 -14.40 -15.44
N GLU A 414 -0.06 -14.67 -15.79
CA GLU A 414 0.84 -15.27 -14.82
C GLU A 414 0.91 -14.44 -13.54
N GLU A 415 1.10 -13.11 -13.68
CA GLU A 415 1.21 -12.29 -12.46
C GLU A 415 -0.11 -12.26 -11.71
N TYR A 416 -1.19 -12.06 -12.46
CA TYR A 416 -2.55 -12.05 -11.90
C TYR A 416 -2.90 -13.35 -11.15
N MET A 417 -2.64 -14.52 -11.80
CA MET A 417 -2.94 -15.78 -11.14
C MET A 417 -2.13 -15.93 -9.84
N LYS A 418 -0.84 -15.58 -9.95
CA LYS A 418 0.01 -15.66 -8.77
C LYS A 418 -0.60 -14.97 -7.55
N ASN A 419 -1.46 -13.94 -7.79
CA ASN A 419 -2.11 -13.25 -6.69
C ASN A 419 -3.55 -13.72 -6.49
N SER A 420 -4.23 -14.01 -7.60
CA SER A 420 -5.68 -14.16 -7.49
C SER A 420 -6.12 -15.54 -6.95
N TRP A 421 -5.19 -16.49 -6.88
CA TRP A 421 -5.59 -17.71 -6.18
C TRP A 421 -5.46 -17.55 -4.66
N ILE A 422 -4.80 -16.43 -4.26
CA ILE A 422 -4.72 -16.11 -2.85
C ILE A 422 -5.83 -15.13 -2.45
N SER A 423 -6.13 -14.20 -3.36
CA SER A 423 -7.13 -13.17 -3.08
C SER A 423 -8.57 -13.69 -3.18
N ILE A 424 -8.77 -14.90 -3.78
CA ILE A 424 -10.15 -15.42 -3.82
C ILE A 424 -10.64 -15.85 -2.42
N GLY A 425 -9.68 -16.05 -1.49
CA GLY A 425 -10.05 -16.24 -0.09
C GLY A 425 -10.36 -17.73 0.25
N GLY A 426 -9.64 -18.65 -0.40
CA GLY A 426 -9.84 -20.06 -0.12
C GLY A 426 -8.85 -20.59 0.90
N ILE A 427 -7.69 -19.93 1.02
CA ILE A 427 -6.70 -20.39 1.99
C ILE A 427 -7.21 -20.33 3.43
N PRO A 428 -7.92 -19.25 3.83
CA PRO A 428 -8.40 -19.23 5.22
C PRO A 428 -9.42 -20.35 5.44
N ILE A 429 -10.20 -20.63 4.41
CA ILE A 429 -11.19 -21.70 4.48
C ILE A 429 -10.51 -23.03 4.76
N LEU A 430 -9.56 -23.39 3.91
CA LEU A 430 -8.85 -24.65 4.06
C LEU A 430 -8.02 -24.73 5.33
N SER A 431 -7.40 -23.62 5.73
CA SER A 431 -6.56 -23.61 6.93
C SER A 431 -7.39 -23.90 8.19
N HIS A 432 -8.43 -23.06 8.40
CA HIS A 432 -9.30 -23.33 9.53
C HIS A 432 -9.88 -24.75 9.48
N LEU A 433 -10.23 -25.23 8.26
CA LEU A 433 -10.80 -26.58 8.24
C LEU A 433 -9.75 -27.67 8.49
N PHE A 434 -8.49 -27.42 8.07
CA PHE A 434 -7.42 -28.39 8.30
C PHE A 434 -7.28 -28.70 9.78
N PHE A 435 -7.28 -27.66 10.61
CA PHE A 435 -7.16 -27.83 12.05
C PHE A 435 -8.39 -28.45 12.66
N ARG A 436 -9.56 -28.19 12.11
CA ARG A 436 -10.79 -28.77 12.66
C ARG A 436 -10.95 -30.23 12.29
N LEU A 437 -10.57 -30.57 11.06
CA LEU A 437 -10.87 -31.89 10.49
C LEU A 437 -9.67 -32.82 10.53
N THR A 438 -8.65 -32.42 11.28
CA THR A 438 -7.54 -33.34 11.57
C THR A 438 -7.47 -33.76 13.05
N ASP A 439 -7.53 -35.10 13.29
CA ASP A 439 -7.55 -35.65 14.66
C ASP A 439 -6.33 -35.26 15.52
N SER A 440 -5.11 -35.69 15.07
CA SER A 440 -3.87 -35.25 15.73
C SER A 440 -3.01 -34.37 14.83
N ILE A 441 -2.79 -33.10 15.26
CA ILE A 441 -2.00 -32.15 14.45
C ILE A 441 -0.49 -32.33 14.67
N GLU A 442 0.24 -32.65 13.59
CA GLU A 442 1.69 -32.68 13.67
C GLU A 442 2.25 -31.44 13.01
N GLU A 443 3.36 -30.92 13.53
CA GLU A 443 3.96 -29.71 12.99
C GLU A 443 4.32 -29.89 11.52
N GLU A 444 4.87 -31.05 11.17
CA GLU A 444 5.24 -31.33 9.78
C GLU A 444 4.01 -31.29 8.90
N ALA A 445 2.88 -31.77 9.41
CA ALA A 445 1.65 -31.76 8.62
C ALA A 445 1.17 -30.32 8.41
N ALA A 446 1.13 -29.55 9.49
CA ALA A 446 0.71 -28.15 9.41
C ALA A 446 1.60 -27.40 8.44
N GLU A 447 2.92 -27.60 8.54
CA GLU A 447 3.85 -26.92 7.65
C GLU A 447 3.59 -27.30 6.19
N SER A 448 3.40 -28.59 5.95
CA SER A 448 3.16 -29.06 4.59
C SER A 448 1.92 -28.40 3.96
N MET A 449 0.83 -28.33 4.72
CA MET A 449 -0.38 -27.73 4.20
C MET A 449 -0.21 -26.24 3.93
N HIS A 450 0.51 -25.57 4.86
CA HIS A 450 0.69 -24.10 4.77
C HIS A 450 1.89 -23.68 3.90
N LYS A 451 2.39 -24.66 3.09
CA LYS A 451 3.55 -24.39 2.20
C LYS A 451 3.41 -23.29 1.08
N TYR A 452 2.36 -23.30 0.19
CA TYR A 452 1.17 -24.15 0.36
C TYR A 452 1.22 -25.43 -0.49
N HIS A 453 0.54 -26.45 0.07
CA HIS A 453 0.49 -27.73 -0.62
C HIS A 453 -0.27 -27.63 -1.94
N ASP A 454 0.23 -28.35 -2.97
CA ASP A 454 -0.35 -28.24 -4.30
C ASP A 454 -1.86 -28.48 -4.28
N ILE A 455 -2.31 -29.32 -3.32
CA ILE A 455 -3.75 -29.57 -3.28
C ILE A 455 -4.52 -28.32 -2.88
N VAL A 456 -3.88 -27.50 -2.02
CA VAL A 456 -4.51 -26.24 -1.63
C VAL A 456 -4.50 -25.25 -2.79
N ARG A 457 -3.37 -25.18 -3.48
CA ARG A 457 -3.26 -24.26 -4.61
C ARG A 457 -4.26 -24.64 -5.69
N ALA A 458 -4.41 -25.95 -5.91
CA ALA A 458 -5.35 -26.43 -6.92
C ALA A 458 -6.79 -26.07 -6.54
N SER A 459 -7.17 -26.33 -5.29
CA SER A 459 -8.51 -26.02 -4.83
C SER A 459 -8.86 -24.54 -5.02
N CYS A 460 -7.99 -23.68 -4.51
CA CYS A 460 -8.20 -22.24 -4.61
C CYS A 460 -8.18 -21.73 -6.05
N THR A 461 -7.40 -22.38 -6.90
CA THR A 461 -7.32 -21.94 -8.29
C THR A 461 -8.62 -22.21 -9.04
N ILE A 462 -9.25 -23.35 -8.77
CA ILE A 462 -10.51 -23.66 -9.43
C ILE A 462 -11.57 -22.73 -8.86
N LEU A 463 -11.47 -22.45 -7.57
CA LEU A 463 -12.39 -21.53 -6.90
C LEU A 463 -12.32 -20.16 -7.61
N ARG A 464 -11.09 -19.67 -7.81
CA ARG A 464 -10.86 -18.38 -8.48
C ARG A 464 -11.32 -18.39 -9.95
N LEU A 465 -10.87 -19.39 -10.70
CA LEU A 465 -11.24 -19.50 -12.11
C LEU A 465 -12.75 -19.58 -12.31
N ALA A 466 -13.42 -20.35 -11.45
CA ALA A 466 -14.87 -20.52 -11.53
C ALA A 466 -15.55 -19.19 -11.25
N ASP A 467 -15.03 -18.46 -10.26
CA ASP A 467 -15.59 -17.17 -9.88
C ASP A 467 -15.46 -16.21 -11.09
N ASP A 468 -14.25 -16.05 -11.60
CA ASP A 468 -14.01 -15.16 -12.74
C ASP A 468 -14.90 -15.48 -13.95
N MET A 469 -15.08 -16.76 -14.24
CA MET A 469 -15.91 -17.16 -15.39
C MET A 469 -17.39 -16.85 -15.16
N GLY A 470 -17.71 -16.55 -13.87
CA GLY A 470 -19.05 -16.08 -13.49
C GLY A 470 -19.33 -14.61 -13.88
N THR A 471 -18.29 -13.74 -13.73
CA THR A 471 -18.48 -12.30 -13.96
C THR A 471 -18.96 -11.97 -15.38
N PRO A 482 -8.89 -6.13 -12.71
CA PRO A 482 -8.57 -7.12 -13.74
C PRO A 482 -9.05 -8.53 -13.40
N LYS A 483 -9.34 -9.32 -14.43
CA LYS A 483 -9.82 -10.69 -14.25
C LYS A 483 -9.02 -11.66 -15.13
N SER A 484 -9.30 -12.96 -14.99
CA SER A 484 -8.61 -13.98 -15.76
C SER A 484 -8.79 -13.78 -17.26
N VAL A 485 -10.03 -13.73 -17.72
CA VAL A 485 -10.30 -13.54 -19.14
C VAL A 485 -9.68 -12.22 -19.60
N GLN A 486 -9.98 -11.16 -18.86
CA GLN A 486 -9.50 -9.79 -19.16
C GLN A 486 -7.97 -9.70 -19.20
N CYS A 487 -7.31 -10.33 -18.17
CA CYS A 487 -5.87 -10.42 -18.10
C CYS A 487 -5.30 -11.16 -19.32
N TYR A 488 -6.16 -11.97 -19.97
CA TYR A 488 -5.68 -12.69 -21.16
C TYR A 488 -5.49 -11.74 -22.35
N SER A 495 -12.86 -10.23 -23.06
CA SER A 495 -12.08 -10.72 -24.19
C SER A 495 -12.86 -11.77 -24.99
N GLU A 496 -12.17 -12.36 -25.99
CA GLU A 496 -12.81 -13.37 -26.82
C GLU A 496 -13.31 -14.58 -26.01
N GLU A 497 -14.25 -15.33 -26.66
CA GLU A 497 -14.33 -16.81 -26.60
C GLU A 497 -12.96 -17.53 -26.47
N GLU A 498 -11.87 -16.97 -27.02
CA GLU A 498 -10.60 -17.70 -26.97
C GLU A 498 -9.98 -17.62 -25.57
N ALA A 499 -10.07 -16.45 -24.94
CA ALA A 499 -9.61 -16.30 -23.56
C ALA A 499 -10.47 -17.17 -22.64
N ARG A 500 -11.75 -17.33 -22.97
CA ARG A 500 -12.65 -18.17 -22.21
C ARG A 500 -12.24 -19.61 -22.35
N GLU A 501 -11.87 -19.97 -23.58
CA GLU A 501 -11.44 -21.33 -23.87
C GLU A 501 -10.15 -21.63 -23.12
N HIS A 502 -9.28 -20.63 -23.02
CA HIS A 502 -8.02 -20.79 -22.32
C HIS A 502 -8.28 -21.05 -20.83
N VAL A 503 -9.23 -20.31 -20.26
CA VAL A 503 -9.58 -20.46 -18.85
C VAL A 503 -10.19 -21.84 -18.60
N ARG A 504 -11.14 -22.22 -19.46
CA ARG A 504 -11.79 -23.53 -19.35
C ARG A 504 -10.73 -24.63 -19.36
N SER A 505 -9.71 -24.45 -20.21
CA SER A 505 -8.64 -25.45 -20.29
C SER A 505 -7.79 -25.42 -19.02
N LEU A 506 -7.65 -24.25 -18.40
CA LEU A 506 -6.87 -24.16 -17.17
C LEU A 506 -7.65 -24.90 -16.06
N ILE A 507 -8.97 -24.75 -16.05
CA ILE A 507 -9.77 -25.42 -15.03
C ILE A 507 -9.66 -26.93 -15.20
N ASP A 508 -9.69 -27.38 -16.47
CA ASP A 508 -9.49 -28.80 -16.75
C ASP A 508 -8.13 -29.26 -16.25
N GLN A 509 -7.09 -28.51 -16.64
CA GLN A 509 -5.73 -28.89 -16.26
C GLN A 509 -5.53 -28.90 -14.73
N THR A 510 -6.25 -27.98 -14.02
CA THR A 510 -6.11 -27.93 -12.56
C THR A 510 -6.84 -29.08 -11.84
N TRP A 511 -8.02 -29.46 -12.37
CA TRP A 511 -8.72 -30.59 -11.77
C TRP A 511 -7.88 -31.87 -11.85
N LYS A 512 -7.11 -31.99 -12.93
CA LYS A 512 -6.25 -33.15 -13.08
C LYS A 512 -5.17 -33.09 -12.01
N MET A 513 -4.66 -31.90 -11.74
CA MET A 513 -3.64 -31.74 -10.71
C MET A 513 -4.28 -32.06 -9.35
N MET A 514 -5.53 -31.62 -9.18
CA MET A 514 -6.26 -31.88 -7.94
C MET A 514 -6.43 -33.38 -7.72
N ASN A 515 -6.86 -34.09 -8.76
CA ASN A 515 -7.04 -35.53 -8.67
C ASN A 515 -5.73 -36.23 -8.30
N LYS A 516 -4.64 -35.79 -8.90
CA LYS A 516 -3.34 -36.39 -8.61
C LYS A 516 -3.03 -36.24 -7.12
N GLU A 517 -3.27 -35.06 -6.57
CA GLU A 517 -3.03 -34.81 -5.15
C GLU A 517 -3.96 -35.65 -4.27
N MET A 518 -5.21 -35.78 -4.69
CA MET A 518 -6.17 -36.57 -3.92
C MET A 518 -5.70 -38.02 -3.77
N MET A 519 -5.08 -38.55 -4.82
CA MET A 519 -4.63 -39.94 -4.83
C MET A 519 -3.42 -40.14 -3.91
N THR A 520 -2.70 -39.04 -3.64
CA THR A 520 -1.40 -39.20 -3.01
C THR A 520 -1.27 -38.43 -1.67
N SER A 521 -2.40 -37.87 -1.19
CA SER A 521 -2.35 -37.01 0.00
C SER A 521 -1.98 -37.80 1.27
N SER A 522 -1.30 -37.10 2.22
CA SER A 522 -1.16 -37.65 3.57
C SER A 522 -2.14 -37.01 4.55
N PHE A 523 -2.90 -36.02 4.05
CA PHE A 523 -3.84 -35.33 4.90
C PHE A 523 -5.05 -36.23 5.21
N SER A 524 -5.81 -35.84 6.26
CA SER A 524 -6.97 -36.64 6.64
C SER A 524 -7.99 -36.70 5.49
N LYS A 525 -8.77 -37.77 5.48
CA LYS A 525 -9.78 -37.97 4.46
C LYS A 525 -10.74 -36.80 4.42
N TYR A 526 -11.10 -36.30 5.61
CA TYR A 526 -12.05 -35.18 5.70
C TYR A 526 -11.50 -33.92 5.00
N PHE A 527 -10.18 -33.66 5.21
CA PHE A 527 -9.56 -32.45 4.65
C PHE A 527 -9.42 -32.56 3.13
N VAL A 528 -9.10 -33.75 2.64
CA VAL A 528 -8.99 -33.92 1.20
C VAL A 528 -10.36 -33.64 0.60
N GLU A 529 -11.40 -34.12 1.26
CA GLU A 529 -12.77 -33.87 0.85
C GLU A 529 -13.12 -32.36 0.72
N VAL A 530 -12.86 -31.58 1.79
CA VAL A 530 -13.21 -30.16 1.69
C VAL A 530 -12.37 -29.42 0.63
N SER A 531 -11.13 -29.90 0.44
CA SER A 531 -10.30 -29.33 -0.62
C SER A 531 -10.97 -29.50 -1.98
N ALA A 532 -11.44 -30.70 -2.24
CA ALA A 532 -12.12 -30.99 -3.49
C ALA A 532 -13.50 -30.33 -3.53
N ASN A 533 -14.21 -30.38 -2.41
CA ASN A 533 -15.55 -29.82 -2.39
C ASN A 533 -15.63 -28.30 -2.48
N LEU A 534 -14.58 -27.61 -2.06
CA LEU A 534 -14.56 -26.15 -2.15
C LEU A 534 -14.54 -25.82 -3.64
N ALA A 535 -13.71 -26.56 -4.38
CA ALA A 535 -13.60 -26.38 -5.82
C ALA A 535 -14.93 -26.71 -6.49
N ARG A 536 -15.53 -27.83 -6.10
CA ARG A 536 -16.81 -28.23 -6.66
C ARG A 536 -17.91 -27.20 -6.37
N MET A 537 -17.94 -26.69 -5.15
CA MET A 537 -18.99 -25.74 -4.79
C MET A 537 -18.87 -24.45 -5.60
N ALA A 538 -17.64 -24.05 -5.92
CA ALA A 538 -17.44 -22.85 -6.73
C ALA A 538 -18.06 -23.10 -8.11
N GLN A 539 -17.87 -24.31 -8.63
CA GLN A 539 -18.41 -24.64 -9.95
C GLN A 539 -19.92 -24.78 -9.88
N TRP A 540 -20.43 -25.07 -8.69
CA TRP A 540 -21.87 -25.19 -8.51
C TRP A 540 -22.49 -23.79 -8.45
N ILE A 541 -21.97 -22.96 -7.56
CA ILE A 541 -22.48 -21.60 -7.39
C ILE A 541 -22.40 -20.81 -8.69
N TYR A 542 -21.32 -20.98 -9.43
CA TYR A 542 -21.15 -20.25 -10.69
C TYR A 542 -21.35 -21.19 -11.89
N GLN A 543 -22.34 -22.07 -11.79
CA GLN A 543 -22.62 -23.00 -12.87
C GLN A 543 -23.13 -22.26 -14.11
N HIS A 544 -23.00 -22.90 -15.27
CA HIS A 544 -23.43 -22.29 -16.52
C HIS A 544 -22.68 -20.98 -16.74
N GLU A 545 -21.50 -20.90 -16.13
CA GLU A 545 -20.66 -19.70 -16.21
C GLU A 545 -21.45 -18.43 -15.94
N SER A 546 -22.29 -18.48 -14.91
CA SER A 546 -23.12 -17.35 -14.53
C SER A 546 -22.85 -17.00 -13.07
N ASP A 547 -23.43 -15.90 -12.61
CA ASP A 547 -23.24 -15.48 -11.23
C ASP A 547 -24.41 -15.98 -10.38
N GLY A 548 -24.17 -17.08 -9.66
CA GLY A 548 -25.21 -17.67 -8.83
C GLY A 548 -26.00 -16.69 -7.95
N PHE A 549 -25.33 -15.66 -7.40
CA PHE A 549 -26.09 -14.75 -6.53
C PHE A 549 -26.30 -13.36 -7.13
N GLY A 550 -26.60 -13.25 -8.46
CA GLY A 550 -26.65 -11.91 -9.11
C GLY A 550 -27.97 -11.12 -8.93
N GLN A 552 -31.28 -12.00 -8.25
CA GLN A 552 -32.41 -12.26 -7.35
C GLN A 552 -32.94 -13.68 -7.54
N HIS A 553 -33.63 -13.87 -8.66
CA HIS A 553 -34.11 -15.20 -9.00
C HIS A 553 -33.10 -15.92 -9.88
N SER A 554 -31.87 -15.99 -9.39
CA SER A 554 -30.91 -16.85 -10.03
C SER A 554 -31.45 -18.24 -9.92
N LEU A 555 -31.02 -19.07 -10.83
CA LEU A 555 -31.53 -20.41 -10.73
C LEU A 555 -30.82 -21.14 -9.57
N VAL A 556 -29.73 -20.53 -9.00
CA VAL A 556 -29.11 -21.02 -7.75
C VAL A 556 -29.88 -20.61 -6.49
N ASN A 557 -30.33 -19.33 -6.49
CA ASN A 557 -31.16 -18.88 -5.39
C ASN A 557 -32.37 -19.78 -5.18
N LYS A 558 -32.96 -20.16 -6.32
CA LYS A 558 -34.08 -21.08 -6.25
C LYS A 558 -33.66 -22.39 -5.59
N MET A 559 -32.50 -22.89 -6.00
CA MET A 559 -31.96 -24.12 -5.46
C MET A 559 -31.65 -23.91 -3.98
N LEU A 560 -31.18 -22.71 -3.65
CA LEU A 560 -30.86 -22.40 -2.27
C LEU A 560 -32.11 -22.54 -1.41
N ARG A 561 -33.19 -21.90 -1.82
CA ARG A 561 -34.42 -22.03 -1.04
C ARG A 561 -34.95 -23.48 -1.01
N ASP A 562 -34.77 -24.19 -2.14
CA ASP A 562 -35.26 -25.56 -2.21
C ASP A 562 -34.50 -26.49 -1.26
N LEU A 563 -33.22 -26.15 -1.01
CA LEU A 563 -32.41 -26.97 -0.11
C LEU A 563 -32.63 -26.60 1.36
N LEU A 564 -32.74 -25.27 1.61
CA LEU A 564 -32.75 -24.80 3.01
C LEU A 564 -34.17 -24.61 3.57
N PHE A 565 -35.16 -24.24 2.77
CA PHE A 565 -36.48 -23.95 3.34
C PHE A 565 -37.66 -24.80 2.90
N HIS A 566 -37.60 -25.34 1.68
CA HIS A 566 -38.70 -26.14 1.16
C HIS A 566 -38.53 -27.64 1.37
N ARG A 567 -39.41 -28.21 2.16
CA ARG A 567 -39.38 -29.63 2.44
C ARG A 567 -39.60 -30.41 1.14
N TYR A 568 -38.98 -31.58 1.02
CA TYR A 568 -39.19 -32.42 -0.18
C TYR A 568 -40.44 -33.27 -0.01
N GLU A 569 -41.46 -33.03 -0.88
CA GLU A 569 -42.74 -33.69 -0.67
C GLU A 569 -42.96 -34.87 -1.65
N ARG B 65 12.27 54.43 -16.16
CA ARG B 65 11.40 54.03 -15.06
C ARG B 65 12.19 53.32 -13.95
N ALA B 66 12.39 51.99 -14.15
CA ALA B 66 13.24 51.19 -13.26
C ALA B 66 14.57 51.87 -12.87
N ALA B 67 15.37 52.27 -13.91
CA ALA B 67 16.80 52.55 -13.74
C ALA B 67 17.11 53.87 -13.02
N GLY B 68 16.19 54.83 -13.07
CA GLY B 68 16.46 56.08 -12.37
C GLY B 68 16.31 55.87 -10.86
N MET B 69 15.31 55.04 -10.56
CA MET B 69 14.99 54.72 -9.19
C MET B 69 16.16 54.04 -8.50
N ILE B 70 16.91 53.22 -9.29
CA ILE B 70 18.07 52.53 -8.76
C ILE B 70 19.23 53.49 -8.44
N ASP B 71 19.59 54.29 -9.46
CA ASP B 71 20.62 55.28 -9.21
C ASP B 71 20.29 56.11 -8.00
N GLN B 72 19.00 56.55 -7.98
CA GLN B 72 18.43 57.35 -6.90
C GLN B 72 18.76 56.73 -5.54
N VAL B 73 18.32 55.47 -5.37
CA VAL B 73 18.57 54.76 -4.12
C VAL B 73 20.08 54.50 -3.90
N LYS B 74 20.86 54.33 -4.99
CA LYS B 74 22.31 54.26 -4.80
C LYS B 74 22.82 55.56 -4.17
N MET B 75 22.30 56.69 -4.68
CA MET B 75 22.81 57.92 -4.09
C MET B 75 22.30 58.17 -2.66
N MET B 76 21.07 57.67 -2.37
CA MET B 76 20.61 57.67 -0.98
C MET B 76 21.62 57.03 -0.02
N LEU B 77 22.21 55.88 -0.45
CA LEU B 77 23.11 55.15 0.43
C LEU B 77 24.40 55.94 0.67
N GLN B 78 24.92 56.50 -0.43
CA GLN B 78 26.21 57.16 -0.30
C GLN B 78 26.06 58.49 0.43
N GLU B 79 24.85 59.07 0.36
CA GLU B 79 24.72 60.44 0.83
C GLU B 79 24.11 60.51 2.25
N GLU B 80 23.48 59.43 2.71
CA GLU B 80 23.09 59.40 4.11
C GLU B 80 24.28 59.66 5.04
N VAL B 81 24.15 60.71 5.90
CA VAL B 81 25.18 60.92 6.91
C VAL B 81 24.72 60.54 8.32
N ASP B 82 23.41 60.24 8.45
CA ASP B 82 22.96 59.63 9.70
C ASP B 82 23.25 58.12 9.75
N SER B 83 24.28 57.73 10.56
CA SER B 83 24.73 56.33 10.50
C SER B 83 23.63 55.33 10.89
N ILE B 84 22.71 55.79 11.75
CA ILE B 84 21.63 54.87 12.12
C ILE B 84 20.64 54.69 10.97
N ARG B 85 20.23 55.80 10.37
CA ARG B 85 19.36 55.73 9.19
C ARG B 85 19.94 54.90 8.00
N ARG B 86 21.26 55.05 7.74
CA ARG B 86 21.98 54.27 6.74
C ARG B 86 21.85 52.75 6.97
N LEU B 87 21.99 52.34 8.25
CA LEU B 87 21.83 50.91 8.54
C LEU B 87 20.38 50.47 8.33
N GLU B 88 19.45 51.33 8.80
CA GLU B 88 18.04 51.01 8.62
C GLU B 88 17.69 50.84 7.14
N LEU B 89 18.23 51.72 6.30
CA LEU B 89 18.01 51.62 4.86
C LEU B 89 18.63 50.35 4.28
N ILE B 90 19.89 50.06 4.69
CA ILE B 90 20.52 48.79 4.29
C ILE B 90 19.63 47.57 4.59
N ASP B 91 19.06 47.56 5.82
CA ASP B 91 18.20 46.45 6.25
C ASP B 91 16.86 46.38 5.46
N ASP B 92 16.26 47.54 5.23
CA ASP B 92 15.01 47.61 4.48
C ASP B 92 15.19 47.11 3.04
N LEU B 93 16.30 47.46 2.40
CA LEU B 93 16.54 47.06 1.02
C LEU B 93 16.51 45.54 0.86
N ARG B 94 17.21 44.84 1.76
CA ARG B 94 17.26 43.38 1.68
C ARG B 94 15.86 42.77 1.82
N ARG B 95 15.14 43.26 2.84
CA ARG B 95 13.84 42.68 3.16
C ARG B 95 12.78 43.04 2.10
N LEU B 96 12.99 44.21 1.45
CA LEU B 96 12.07 44.61 0.37
C LEU B 96 12.26 43.75 -0.88
N GLY B 97 13.39 43.06 -0.89
CA GLY B 97 13.72 42.19 -2.02
C GLY B 97 14.56 42.82 -3.11
N ILE B 98 15.01 44.06 -2.89
CA ILE B 98 15.81 44.77 -3.89
C ILE B 98 17.26 45.05 -3.52
N SER B 99 17.82 44.33 -2.55
CA SER B 99 19.20 44.57 -2.14
C SER B 99 20.25 44.17 -3.18
N CYS B 100 19.89 43.26 -4.09
CA CYS B 100 20.84 42.81 -5.12
C CYS B 100 21.37 43.99 -5.94
N HIS B 101 20.51 44.93 -6.26
CA HIS B 101 20.87 46.10 -7.05
C HIS B 101 22.01 46.85 -6.40
N PHE B 102 22.16 46.62 -5.08
CA PHE B 102 23.06 47.48 -4.32
C PHE B 102 24.07 46.71 -3.47
N GLU B 103 24.24 45.42 -3.80
CA GLU B 103 25.07 44.56 -2.97
C GLU B 103 26.50 45.10 -2.70
N ARG B 104 27.25 45.42 -3.78
CA ARG B 104 28.62 45.89 -3.58
C ARG B 104 28.69 47.20 -2.78
N GLU B 105 27.75 48.13 -3.10
CA GLU B 105 27.74 49.40 -2.37
C GLU B 105 27.53 49.18 -0.87
N ILE B 106 26.57 48.31 -0.56
CA ILE B 106 26.25 47.99 0.82
C ILE B 106 27.44 47.41 1.57
N VAL B 107 28.09 46.42 0.96
CA VAL B 107 29.25 45.77 1.57
C VAL B 107 30.36 46.78 1.86
N GLU B 108 30.59 47.69 0.92
CA GLU B 108 31.63 48.70 1.07
C GLU B 108 31.30 49.63 2.23
N ILE B 109 30.03 50.01 2.35
CA ILE B 109 29.59 50.88 3.42
C ILE B 109 29.81 50.21 4.78
N LEU B 110 29.42 48.94 4.87
CA LEU B 110 29.58 48.19 6.13
C LEU B 110 31.06 48.09 6.46
N ASN B 111 31.89 47.82 5.42
CA ASN B 111 33.31 47.67 5.64
C ASN B 111 33.98 48.96 6.08
N SER B 112 33.69 50.07 5.40
CA SER B 112 34.34 51.34 5.71
C SER B 112 33.72 52.24 6.78
N LYS B 113 32.42 52.08 7.05
CA LYS B 113 31.78 52.94 8.05
C LYS B 113 31.30 52.26 9.33
N TYR B 114 31.29 50.93 9.35
CA TYR B 114 30.80 50.23 10.54
C TYR B 114 31.81 49.16 11.03
N TYR B 115 32.25 48.33 10.06
CA TYR B 115 33.14 47.25 10.41
C TYR B 115 34.49 47.82 10.87
N THR B 116 34.96 48.86 10.16
CA THR B 116 36.27 49.36 10.54
C THR B 116 36.31 50.78 11.14
N ASN B 117 35.57 51.74 10.54
CA ASN B 117 35.60 53.09 11.11
C ASN B 117 34.29 53.46 11.84
N ASN B 118 33.88 52.51 12.71
CA ASN B 118 32.52 52.44 13.28
C ASN B 118 32.01 53.81 13.70
N GLU B 119 30.77 54.12 13.28
CA GLU B 119 30.21 55.44 13.58
C GLU B 119 29.06 55.35 14.58
N ILE B 120 28.79 54.10 14.97
CA ILE B 120 27.69 53.86 15.90
C ILE B 120 28.10 54.16 17.35
N ASP B 121 27.20 54.86 18.06
CA ASP B 121 27.29 54.88 19.51
C ASP B 121 27.23 53.47 20.10
N GLU B 122 28.38 52.98 20.57
CA GLU B 122 28.48 51.66 21.19
C GLU B 122 27.67 51.51 22.47
N ARG B 123 27.22 52.63 23.03
CA ARG B 123 26.43 52.61 24.26
C ARG B 123 24.93 52.55 23.97
N ASP B 124 24.57 52.59 22.68
CA ASP B 124 23.16 52.54 22.30
C ASP B 124 22.72 51.13 21.89
N LEU B 125 21.60 50.66 22.47
CA LEU B 125 21.22 49.27 22.26
C LEU B 125 20.74 49.02 20.81
N TYR B 126 19.78 49.84 20.39
CA TYR B 126 19.24 49.78 19.04
C TYR B 126 20.38 49.68 18.01
N SER B 127 21.25 50.72 18.06
CA SER B 127 22.32 50.87 17.08
C SER B 127 23.30 49.71 17.12
N THR B 128 23.75 49.37 18.35
CA THR B 128 24.68 48.27 18.50
C THR B 128 24.13 46.94 17.95
N ALA B 129 22.86 46.61 18.34
CA ALA B 129 22.29 45.34 17.86
C ALA B 129 22.15 45.29 16.33
N LEU B 130 21.59 46.39 15.77
CA LEU B 130 21.44 46.46 14.33
C LEU B 130 22.77 46.30 13.58
N ARG B 131 23.81 46.98 14.12
CA ARG B 131 25.14 46.88 13.52
C ARG B 131 25.63 45.45 13.58
N PHE B 132 25.51 44.85 14.76
CA PHE B 132 25.93 43.48 14.95
C PHE B 132 25.26 42.55 13.95
N ARG B 133 23.94 42.62 13.85
CA ARG B 133 23.23 41.73 12.92
C ARG B 133 23.69 41.90 11.47
N LEU B 134 23.66 43.14 10.96
CA LEU B 134 24.02 43.31 9.56
C LEU B 134 25.46 42.94 9.26
N LEU B 135 26.39 43.27 10.19
CA LEU B 135 27.76 42.84 9.93
C LEU B 135 27.84 41.32 9.80
N ARG B 136 27.28 40.60 10.77
CA ARG B 136 27.33 39.14 10.68
C ARG B 136 26.55 38.64 9.47
N GLN B 137 25.47 39.34 9.12
CA GLN B 137 24.68 38.95 7.97
C GLN B 137 25.53 39.01 6.71
N TYR B 138 26.39 40.02 6.61
CA TYR B 138 27.21 40.16 5.42
C TYR B 138 28.62 39.56 5.60
N ASP B 139 28.70 38.62 6.58
CA ASP B 139 29.91 37.79 6.82
C ASP B 139 31.14 38.60 7.31
N PHE B 140 30.88 39.68 8.09
CA PHE B 140 31.97 40.33 8.84
C PHE B 140 32.18 39.70 10.22
N SER B 141 33.40 39.76 10.79
CA SER B 141 33.54 39.24 12.16
C SER B 141 33.25 40.32 13.21
N VAL B 142 32.24 40.03 14.06
CA VAL B 142 31.95 40.93 15.16
C VAL B 142 31.59 40.13 16.43
N SER B 143 32.15 40.55 17.59
CA SER B 143 32.05 39.73 18.81
C SER B 143 30.75 39.99 19.58
N GLN B 144 30.31 38.98 20.32
CA GLN B 144 29.14 39.15 21.18
C GLN B 144 29.41 40.14 22.31
N GLU B 145 30.69 40.50 22.45
CA GLU B 145 31.08 41.37 23.54
C GLU B 145 30.60 42.80 23.31
N VAL B 146 30.20 43.08 22.06
CA VAL B 146 29.58 44.37 21.81
C VAL B 146 28.39 44.58 22.75
N PHE B 147 27.82 43.51 23.30
CA PHE B 147 26.66 43.63 24.16
C PHE B 147 26.98 43.60 25.65
N ASP B 148 28.27 43.50 25.99
CA ASP B 148 28.67 43.42 27.41
C ASP B 148 28.22 44.63 28.25
N CYS B 149 28.33 45.84 27.67
CA CYS B 149 27.97 47.04 28.43
C CYS B 149 26.47 47.20 28.65
N PHE B 150 25.71 46.21 28.18
CA PHE B 150 24.27 46.27 28.39
C PHE B 150 23.83 45.28 29.45
N LYS B 151 24.84 44.61 30.06
CA LYS B 151 24.58 43.65 31.11
C LYS B 151 24.45 44.30 32.48
N ASN B 152 23.75 43.58 33.37
CA ASN B 152 23.64 44.03 34.75
C ASN B 152 24.97 44.01 35.50
N ALA B 153 24.94 44.70 36.66
CA ALA B 153 26.14 44.88 37.47
C ALA B 153 26.93 43.58 37.63
N LYS B 154 26.25 42.55 38.18
CA LYS B 154 26.90 41.27 38.32
C LYS B 154 27.39 40.74 36.97
N GLY B 155 26.73 41.22 35.89
CA GLY B 155 27.04 40.72 34.56
C GLY B 155 26.40 39.34 34.27
N THR B 156 25.21 39.10 34.87
CA THR B 156 24.59 37.78 34.76
C THR B 156 23.36 37.78 33.85
N ASP B 157 22.96 39.02 33.54
CA ASP B 157 21.81 39.26 32.66
C ASP B 157 21.86 40.70 32.16
N PHE B 158 20.91 41.04 31.27
CA PHE B 158 20.88 42.40 30.75
C PHE B 158 20.16 43.34 31.75
N LYS B 159 20.56 44.61 31.72
CA LYS B 159 20.00 45.62 32.63
C LYS B 159 18.47 45.70 32.56
N PRO B 160 17.80 45.65 33.73
CA PRO B 160 16.34 45.71 33.84
C PRO B 160 15.78 46.94 33.14
N SER B 161 16.54 48.03 33.16
CA SER B 161 16.14 49.30 32.58
C SER B 161 15.93 49.21 31.06
N LEU B 162 16.54 48.17 30.46
CA LEU B 162 16.42 48.02 29.01
C LEU B 162 14.98 47.66 28.57
N VAL B 163 14.16 47.13 29.50
CA VAL B 163 12.80 46.72 29.10
C VAL B 163 11.99 47.91 28.56
N ASP B 164 12.52 49.12 28.78
CA ASP B 164 11.79 50.31 28.29
C ASP B 164 12.14 50.63 26.84
N ASP B 165 13.32 50.13 26.39
CA ASP B 165 13.77 50.42 25.04
C ASP B 165 13.20 49.42 24.05
N THR B 166 11.95 49.66 23.70
CA THR B 166 11.21 48.66 22.97
C THR B 166 11.88 48.27 21.64
N ARG B 167 12.25 49.28 20.82
CA ARG B 167 12.88 48.94 19.53
C ARG B 167 14.28 48.34 19.69
N GLY B 168 14.94 48.72 20.80
CA GLY B 168 16.24 48.15 21.09
C GLY B 168 16.11 46.67 21.42
N LEU B 169 15.05 46.35 22.15
CA LEU B 169 14.74 44.96 22.52
C LEU B 169 14.51 44.13 21.25
N LEU B 170 13.74 44.67 20.31
CA LEU B 170 13.45 43.96 19.07
C LEU B 170 14.73 43.68 18.28
N GLN B 171 15.60 44.67 18.15
CA GLN B 171 16.84 44.47 17.42
C GLN B 171 17.77 43.50 18.17
N LEU B 172 17.73 43.53 19.49
CA LEU B 172 18.58 42.62 20.27
C LEU B 172 18.09 41.19 20.02
N TYR B 173 16.77 41.03 19.98
CA TYR B 173 16.13 39.75 19.71
C TYR B 173 16.58 39.23 18.35
N GLU B 174 16.46 40.08 17.33
CA GLU B 174 16.83 39.70 15.96
C GLU B 174 18.32 39.35 15.85
N ALA B 175 19.16 40.13 16.52
CA ALA B 175 20.61 39.90 16.48
C ALA B 175 21.01 38.58 17.12
N SER B 176 20.30 38.21 18.18
CA SER B 176 20.61 36.98 18.90
C SER B 176 20.55 35.71 18.06
N PHE B 177 19.84 35.77 16.93
CA PHE B 177 19.70 34.56 16.08
C PHE B 177 20.89 34.34 15.14
N LEU B 178 21.85 35.31 15.12
CA LEU B 178 23.07 35.16 14.32
C LEU B 178 24.14 34.42 15.13
N SER B 179 23.69 33.89 16.30
CA SER B 179 24.61 33.23 17.23
C SER B 179 25.15 31.95 16.65
N ALA B 180 26.44 31.72 16.92
CA ALA B 180 26.97 30.39 16.80
C ALA B 180 26.84 29.62 18.11
N GLN B 181 27.47 28.46 18.23
CA GLN B 181 27.37 27.69 19.47
C GLN B 181 28.34 28.26 20.51
N GLY B 182 27.91 28.26 21.77
CA GLY B 182 28.75 28.75 22.84
C GLY B 182 28.76 30.23 23.15
N GLU B 183 28.00 31.03 22.39
CA GLU B 183 27.98 32.46 22.59
C GLU B 183 26.96 32.84 23.64
N GLU B 184 27.41 32.75 24.87
CA GLU B 184 26.52 32.70 26.03
C GLU B 184 25.78 34.02 26.21
N THR B 185 26.40 35.11 25.70
CA THR B 185 25.78 36.45 25.84
C THR B 185 24.58 36.63 24.90
N LEU B 186 24.68 35.95 23.75
CA LEU B 186 23.61 35.97 22.76
C LEU B 186 22.44 35.10 23.23
N ARG B 187 22.75 34.05 23.97
CA ARG B 187 21.71 33.15 24.49
C ARG B 187 20.93 33.96 25.53
N LEU B 188 21.66 34.64 26.41
CA LEU B 188 21.03 35.45 27.45
C LEU B 188 20.22 36.54 26.77
N ALA B 189 20.75 37.08 25.67
CA ALA B 189 20.06 38.14 24.94
C ALA B 189 18.76 37.65 24.33
N ARG B 190 18.77 36.47 23.74
CA ARG B 190 17.52 35.97 23.15
C ARG B 190 16.44 35.79 24.21
N ASP B 191 16.82 35.25 25.35
CA ASP B 191 15.84 35.00 26.41
C ASP B 191 15.28 36.32 26.97
N PHE B 192 16.22 37.24 27.26
CA PHE B 192 15.81 38.54 27.79
C PHE B 192 14.82 39.24 26.87
N ALA B 193 15.28 39.49 25.63
CA ALA B 193 14.43 40.17 24.64
C ALA B 193 13.07 39.49 24.43
N THR B 194 13.07 38.17 24.26
CA THR B 194 11.81 37.44 24.04
C THR B 194 10.87 37.61 25.23
N LYS B 195 11.40 37.46 26.45
CA LYS B 195 10.62 37.58 27.66
C LYS B 195 9.95 38.95 27.77
N PHE B 196 10.67 40.00 27.42
CA PHE B 196 10.05 41.31 27.57
C PHE B 196 9.46 41.82 26.27
N LEU B 197 9.20 40.84 25.37
CA LEU B 197 8.56 41.14 24.08
C LEU B 197 7.17 40.49 23.90
N GLN B 198 7.01 39.23 24.36
CA GLN B 198 5.81 38.44 23.98
C GLN B 198 4.51 39.01 24.55
N LYS B 199 4.62 39.82 25.59
CA LYS B 199 3.41 40.32 26.18
C LYS B 199 3.70 41.50 27.09
N ARG B 200 3.24 42.66 26.63
CA ARG B 200 3.30 43.76 27.55
C ARG B 200 2.36 44.85 27.08
N VAL B 201 2.58 45.98 27.65
CA VAL B 201 1.69 47.02 27.28
C VAL B 201 2.47 47.96 26.39
N LEU B 202 1.74 48.94 25.88
CA LEU B 202 2.33 49.85 24.92
C LEU B 202 1.77 51.24 25.16
N VAL B 203 2.62 52.25 25.06
CA VAL B 203 2.02 53.56 24.88
C VAL B 203 2.07 54.01 23.43
N ASP B 206 3.02 52.94 18.75
CA ASP B 206 3.27 52.76 17.34
C ASP B 206 2.74 51.41 16.82
N ILE B 207 1.57 51.50 16.19
CA ILE B 207 1.05 50.33 15.52
C ILE B 207 2.08 49.61 14.61
N ASN B 208 3.05 50.39 14.05
CA ASN B 208 3.93 49.80 13.06
C ASN B 208 5.02 48.97 13.73
N LEU B 209 5.53 49.55 14.83
CA LEU B 209 6.42 48.79 15.67
C LEU B 209 5.73 47.54 16.21
N LEU B 210 4.46 47.68 16.58
CA LEU B 210 3.71 46.57 17.15
C LEU B 210 3.66 45.41 16.16
N SER B 211 3.33 45.70 14.91
CA SER B 211 3.25 44.67 13.88
C SER B 211 4.62 44.05 13.63
N SER B 212 5.65 44.89 13.71
CA SER B 212 7.02 44.42 13.50
C SER B 212 7.39 43.41 14.58
N ILE B 213 7.10 43.72 15.83
CA ILE B 213 7.40 42.80 16.92
C ILE B 213 6.66 41.47 16.78
N GLU B 214 5.39 41.53 16.39
CA GLU B 214 4.59 40.31 16.23
C GLU B 214 5.19 39.39 15.17
N ARG B 215 5.54 39.97 14.03
CA ARG B 215 6.12 39.19 12.95
C ARG B 215 7.43 38.56 13.39
N ALA B 216 8.25 39.30 14.12
CA ALA B 216 9.54 38.80 14.60
C ALA B 216 9.42 37.66 15.60
N LEU B 217 8.35 37.69 16.40
CA LEU B 217 8.13 36.63 17.38
C LEU B 217 7.68 35.35 16.68
N GLU B 218 7.05 35.55 15.51
CA GLU B 218 6.61 34.39 14.73
C GLU B 218 7.78 33.75 13.99
N LEU B 219 8.67 34.61 13.49
CA LEU B 219 9.81 34.12 12.72
C LEU B 219 10.86 35.22 12.50
N PRO B 220 12.02 35.03 13.17
CA PRO B 220 13.07 36.05 13.15
C PRO B 220 13.58 36.34 11.73
N THR B 221 13.98 37.60 11.47
CA THR B 221 14.38 37.95 10.10
C THR B 221 15.55 37.08 9.55
N HIS B 222 16.39 36.55 10.47
CA HIS B 222 17.51 35.69 10.03
C HIS B 222 17.04 34.31 9.55
N TRP B 223 15.80 33.97 9.90
CA TRP B 223 15.19 32.71 9.46
C TRP B 223 14.14 32.91 8.35
N ARG B 224 14.07 34.10 7.77
CA ARG B 224 13.09 34.35 6.72
C ARG B 224 13.76 34.37 5.32
N VAL B 225 13.21 33.55 4.42
CA VAL B 225 13.64 33.66 3.01
C VAL B 225 13.26 35.05 2.45
N GLN B 226 13.85 35.41 1.29
CA GLN B 226 13.70 36.80 0.82
C GLN B 226 12.42 37.03 0.01
N MET B 227 12.34 36.49 -1.21
CA MET B 227 11.18 36.72 -2.08
C MET B 227 9.81 36.27 -1.57
N PRO B 228 9.71 35.06 -1.00
CA PRO B 228 8.41 34.62 -0.49
C PRO B 228 7.90 35.52 0.64
N ASN B 229 8.81 36.30 1.22
CA ASN B 229 8.47 37.24 2.30
C ASN B 229 8.39 38.69 1.84
N ALA B 230 8.90 38.97 0.62
CA ALA B 230 8.99 40.36 0.18
C ALA B 230 7.64 41.10 0.19
N ARG B 231 6.56 40.40 -0.26
CA ARG B 231 5.28 41.10 -0.35
C ARG B 231 4.84 41.64 1.02
N SER B 232 4.97 40.77 2.04
CA SER B 232 4.47 41.16 3.35
C SER B 232 5.30 42.30 3.97
N PHE B 233 6.62 42.33 3.66
CA PHE B 233 7.45 43.46 4.11
C PHE B 233 7.12 44.75 3.35
N ILE B 234 6.82 44.64 2.05
CA ILE B 234 6.46 45.82 1.28
C ILE B 234 5.18 46.41 1.87
N ASP B 235 4.22 45.55 2.18
CA ASP B 235 2.95 45.97 2.76
C ASP B 235 3.18 46.71 4.07
N ALA B 236 4.15 46.25 4.86
CA ALA B 236 4.45 46.87 6.13
C ALA B 236 5.23 48.16 5.93
N TYR B 237 6.15 48.13 4.96
CA TYR B 237 6.98 49.29 4.68
C TYR B 237 6.19 50.50 4.21
N LYS B 238 5.13 50.28 3.42
CA LYS B 238 4.34 51.38 2.90
C LYS B 238 3.45 52.05 3.95
N ARG B 239 3.34 51.44 5.12
CA ARG B 239 2.52 51.99 6.20
C ARG B 239 3.38 52.81 7.16
N ARG B 240 4.69 52.74 7.00
CA ARG B 240 5.61 53.48 7.86
C ARG B 240 5.73 54.97 7.52
N PRO B 241 5.70 55.84 8.56
CA PRO B 241 5.57 57.28 8.38
C PRO B 241 6.84 57.82 7.75
N ASP B 242 7.86 56.98 7.85
CA ASP B 242 9.20 57.43 7.49
C ASP B 242 9.64 56.77 6.18
N MET B 243 8.68 56.04 5.60
CA MET B 243 8.94 55.35 4.35
C MET B 243 9.35 56.32 3.25
N ASN B 244 10.29 55.85 2.41
CA ASN B 244 10.64 56.63 1.23
C ASN B 244 9.87 56.16 -0.03
N PRO B 245 9.22 57.14 -0.69
CA PRO B 245 8.39 56.88 -1.88
C PRO B 245 9.11 56.14 -3.00
N THR B 246 10.36 56.59 -3.30
CA THR B 246 11.13 55.95 -4.38
C THR B 246 11.46 54.49 -4.07
N VAL B 247 12.00 54.26 -2.87
CA VAL B 247 12.35 52.90 -2.46
C VAL B 247 11.14 51.98 -2.60
N LEU B 248 9.97 52.50 -2.15
CA LEU B 248 8.76 51.67 -2.22
C LEU B 248 8.29 51.43 -3.67
N GLU B 249 8.29 52.49 -4.51
CA GLU B 249 7.95 52.25 -5.92
C GLU B 249 8.86 51.22 -6.62
N LEU B 250 10.18 51.27 -6.32
CA LEU B 250 11.05 50.28 -6.97
C LEU B 250 10.87 48.89 -6.39
N ALA B 251 10.56 48.85 -5.09
CA ALA B 251 10.24 47.56 -4.51
C ALA B 251 9.07 46.91 -5.24
N LYS B 252 8.02 47.70 -5.45
CA LYS B 252 6.82 47.23 -6.14
C LYS B 252 7.14 46.85 -7.59
N LEU B 253 7.91 47.69 -8.27
CA LEU B 253 8.46 47.34 -9.59
C LEU B 253 9.27 46.03 -9.65
N ASP B 254 10.36 45.91 -8.82
CA ASP B 254 11.15 44.68 -8.87
C ASP B 254 10.35 43.43 -8.51
N PHE B 255 9.34 43.61 -7.63
CA PHE B 255 8.54 42.44 -7.25
C PHE B 255 7.74 41.89 -8.43
N ASN B 256 7.01 42.79 -9.14
CA ASN B 256 6.28 42.34 -10.32
C ASN B 256 7.22 41.90 -11.47
N MET B 257 8.42 42.52 -11.58
CA MET B 257 9.32 42.06 -12.62
C MET B 257 9.86 40.65 -12.33
N VAL B 258 10.33 40.47 -11.08
CA VAL B 258 10.79 39.13 -10.71
C VAL B 258 9.66 38.09 -10.83
N GLN B 259 8.44 38.54 -10.47
CA GLN B 259 7.30 37.65 -10.63
C GLN B 259 7.13 37.19 -12.07
N ALA B 260 7.30 38.15 -13.00
CA ALA B 260 7.19 37.79 -14.40
C ALA B 260 8.26 36.78 -14.77
N GLN B 261 9.45 36.96 -14.19
CA GLN B 261 10.52 36.02 -14.46
C GLN B 261 10.18 34.64 -13.90
N PHE B 262 9.71 34.63 -12.64
CA PHE B 262 9.30 33.38 -12.01
C PHE B 262 8.35 32.60 -12.92
N GLN B 263 7.34 33.35 -13.44
CA GLN B 263 6.30 32.78 -14.31
C GLN B 263 6.89 32.10 -15.54
N GLN B 264 7.88 32.78 -16.17
CA GLN B 264 8.54 32.17 -17.33
C GLN B 264 9.27 30.89 -16.93
N GLU B 265 9.91 30.91 -15.76
CA GLU B 265 10.64 29.75 -15.26
C GLU B 265 9.67 28.60 -14.96
N LEU B 266 8.54 28.95 -14.34
CA LEU B 266 7.51 28.00 -13.97
C LEU B 266 6.90 27.33 -15.20
N LYS B 267 6.68 28.16 -16.22
CA LYS B 267 6.12 27.64 -17.45
C LYS B 267 7.09 26.63 -18.10
N GLU B 268 8.40 26.92 -17.94
CA GLU B 268 9.41 26.01 -18.47
C GLU B 268 9.45 24.71 -17.66
N ALA B 269 9.25 24.83 -16.32
CA ALA B 269 9.25 23.63 -15.49
C ALA B 269 8.03 22.75 -15.80
N SER B 270 6.89 23.41 -16.03
CA SER B 270 5.66 22.67 -16.29
C SER B 270 5.78 21.88 -17.58
N ARG B 271 6.46 22.53 -18.54
CA ARG B 271 6.70 21.91 -19.83
C ARG B 271 7.49 20.62 -19.70
N TRP B 272 8.61 20.70 -18.95
CA TRP B 272 9.40 19.51 -18.69
C TRP B 272 8.57 18.42 -18.01
N TRP B 273 7.85 18.84 -16.95
CA TRP B 273 7.04 17.88 -16.21
C TRP B 273 6.00 17.18 -17.09
N ASN B 274 5.31 18.00 -17.92
CA ASN B 274 4.37 17.46 -18.89
C ASN B 274 5.00 16.37 -19.75
N SER B 275 6.26 16.63 -20.16
CA SER B 275 6.89 15.75 -21.12
C SER B 275 7.32 14.39 -20.52
N THR B 276 7.37 14.33 -19.16
CA THR B 276 7.70 13.05 -18.52
C THR B 276 6.56 12.05 -18.72
N GLY B 277 5.35 12.63 -18.82
CA GLY B 277 4.13 11.84 -18.94
C GLY B 277 3.78 11.10 -17.65
N LEU B 278 4.50 11.43 -16.57
CA LEU B 278 4.25 10.69 -15.34
C LEU B 278 2.82 10.88 -14.82
N VAL B 279 2.33 12.13 -14.90
CA VAL B 279 0.96 12.35 -14.44
C VAL B 279 -0.03 11.50 -15.23
N HIS B 280 0.08 11.53 -16.55
CA HIS B 280 -0.83 10.78 -17.43
C HIS B 280 -0.62 9.26 -17.33
N GLU B 281 0.65 8.84 -17.13
CA GLU B 281 0.92 7.40 -17.06
C GLU B 281 0.62 6.79 -15.69
N LEU B 282 0.93 7.59 -14.64
CA LEU B 282 0.78 7.07 -13.29
C LEU B 282 -0.36 7.76 -12.53
N PRO B 283 -1.44 7.02 -12.28
CA PRO B 283 -2.60 7.58 -11.61
C PRO B 283 -2.27 8.25 -10.25
N PHE B 284 -1.35 7.61 -9.51
CA PHE B 284 -0.96 8.13 -8.18
C PHE B 284 -0.26 9.48 -8.26
N VAL B 285 0.35 9.75 -9.41
CA VAL B 285 1.04 11.03 -9.56
C VAL B 285 0.09 12.16 -9.97
N ARG B 286 0.09 13.24 -9.16
CA ARG B 286 -0.75 14.39 -9.47
C ARG B 286 0.08 15.60 -9.94
N ASP B 287 -0.59 16.51 -10.65
CA ASP B 287 0.07 17.71 -11.14
C ASP B 287 0.18 18.72 -10.01
N ARG B 288 1.38 18.79 -9.43
CA ARG B 288 1.58 19.80 -8.40
C ARG B 288 2.97 20.41 -8.53
N ILE B 289 3.33 20.60 -9.82
CA ILE B 289 4.63 21.18 -10.17
C ILE B 289 4.77 22.60 -9.66
N VAL B 290 3.62 23.31 -9.51
CA VAL B 290 3.73 24.70 -9.03
C VAL B 290 4.13 24.78 -7.55
N GLU B 291 3.75 23.74 -6.79
CA GLU B 291 4.20 23.67 -5.40
C GLU B 291 5.70 23.39 -5.34
N CYS B 292 6.14 22.47 -6.23
CA CYS B 292 7.55 22.13 -6.31
C CYS B 292 8.36 23.35 -6.67
N TYR B 293 7.79 24.13 -7.61
CA TYR B 293 8.49 25.32 -8.05
C TYR B 293 8.58 26.35 -6.94
N TYR B 294 7.42 26.59 -6.23
CA TYR B 294 7.37 27.59 -5.16
C TYR B 294 8.57 27.49 -4.20
N TRP B 295 8.93 26.23 -3.84
CA TRP B 295 10.07 26.01 -2.94
C TRP B 295 11.32 26.77 -3.39
N THR B 296 11.57 26.70 -4.71
CA THR B 296 12.82 27.22 -5.26
C THR B 296 12.91 28.75 -5.12
N THR B 297 11.76 29.48 -5.13
CA THR B 297 11.85 30.93 -5.01
C THR B 297 12.47 31.36 -3.69
N GLY B 298 12.48 30.46 -2.71
CA GLY B 298 13.08 30.77 -1.43
C GLY B 298 14.49 30.19 -1.29
N VAL B 299 14.67 28.99 -1.85
CA VAL B 299 15.95 28.30 -1.80
C VAL B 299 17.03 28.93 -2.68
N VAL B 300 16.66 29.41 -3.86
CA VAL B 300 17.64 30.01 -4.77
C VAL B 300 17.28 31.49 -4.89
N GLU B 301 17.90 32.31 -4.04
CA GLU B 301 17.59 33.74 -3.95
C GLU B 301 18.07 34.62 -5.13
N ARG B 302 19.20 34.24 -5.78
CA ARG B 302 19.70 35.10 -6.86
C ARG B 302 18.84 35.01 -8.12
N ARG B 303 18.61 36.17 -8.75
CA ARG B 303 17.69 36.20 -9.87
C ARG B 303 18.26 35.53 -11.09
N GLN B 304 19.61 35.60 -11.18
CA GLN B 304 20.31 35.06 -12.33
C GLN B 304 20.27 33.54 -12.37
N HIS B 305 19.91 32.94 -11.22
CA HIS B 305 19.93 31.50 -11.11
C HIS B 305 18.58 30.89 -11.50
N GLY B 306 18.02 31.38 -12.63
CA GLY B 306 16.79 30.80 -13.13
C GLY B 306 16.94 29.33 -13.51
N TYR B 307 18.09 29.00 -14.13
CA TYR B 307 18.28 27.60 -14.49
C TYR B 307 18.20 26.72 -13.26
N GLU B 308 18.71 27.25 -12.12
CA GLU B 308 18.83 26.39 -10.95
C GLU B 308 17.51 26.24 -10.19
N ARG B 309 16.65 27.27 -10.32
CA ARG B 309 15.29 27.13 -9.78
C ARG B 309 14.48 26.09 -10.56
N ILE B 310 14.68 26.06 -11.87
CA ILE B 310 13.97 25.10 -12.70
C ILE B 310 14.50 23.71 -12.39
N MET B 311 15.82 23.61 -12.25
CA MET B 311 16.42 22.32 -11.93
C MET B 311 15.90 21.77 -10.60
N LEU B 312 15.89 22.67 -9.58
CA LEU B 312 15.43 22.25 -8.24
C LEU B 312 13.96 21.83 -8.27
N THR B 313 13.20 22.46 -9.19
CA THR B 313 11.81 22.04 -9.33
C THR B 313 11.75 20.57 -9.77
N LYS B 314 12.61 20.21 -10.71
CA LYS B 314 12.68 18.82 -11.21
C LYS B 314 13.05 17.87 -10.08
N ILE B 315 14.11 18.22 -9.35
CA ILE B 315 14.55 17.40 -8.22
C ILE B 315 13.41 17.22 -7.23
N ASN B 316 12.80 18.35 -6.86
CA ASN B 316 11.67 18.25 -5.94
C ASN B 316 10.62 17.25 -6.47
N ALA B 317 10.30 17.38 -7.77
CA ALA B 317 9.19 16.60 -8.31
C ALA B 317 9.54 15.10 -8.31
N LEU B 318 10.80 14.82 -8.68
CA LEU B 318 11.26 13.45 -8.72
C LEU B 318 11.37 12.86 -7.31
N VAL B 319 11.86 13.64 -6.35
CA VAL B 319 11.93 13.15 -4.98
C VAL B 319 10.54 12.84 -4.43
N THR B 320 9.63 13.81 -4.61
CA THR B 320 8.29 13.63 -4.09
C THR B 320 7.59 12.39 -4.69
N THR B 321 7.81 12.19 -6.01
CA THR B 321 7.21 11.04 -6.67
C THR B 321 7.75 9.73 -6.08
N ILE B 322 9.08 9.66 -5.93
CA ILE B 322 9.69 8.43 -5.42
C ILE B 322 9.33 8.19 -3.96
N ASP B 323 9.37 9.28 -3.19
CA ASP B 323 8.97 9.14 -1.80
C ASP B 323 7.59 8.51 -1.70
N ASP B 324 6.66 8.95 -2.54
CA ASP B 324 5.29 8.43 -2.51
C ASP B 324 5.28 6.94 -2.82
N VAL B 325 6.16 6.53 -3.77
CA VAL B 325 6.24 5.11 -4.09
C VAL B 325 6.62 4.34 -2.84
N PHE B 326 7.61 4.90 -2.08
CA PHE B 326 8.11 4.20 -0.91
C PHE B 326 7.18 4.35 0.30
N ASP B 327 6.41 5.44 0.29
CA ASP B 327 5.52 5.63 1.40
C ASP B 327 4.32 4.68 1.33
N ILE B 328 3.79 4.46 0.14
CA ILE B 328 2.58 3.62 0.11
C ILE B 328 2.37 2.79 -1.19
N TYR B 329 2.66 3.40 -2.35
CA TYR B 329 2.19 2.77 -3.59
C TYR B 329 2.94 1.48 -3.96
N GLY B 330 4.24 1.43 -3.61
CA GLY B 330 5.01 0.23 -3.94
C GLY B 330 4.84 -0.87 -2.86
N THR B 331 4.88 -2.13 -3.29
CA THR B 331 4.99 -3.21 -2.30
C THR B 331 6.45 -3.33 -1.84
N LEU B 332 6.65 -3.87 -0.62
CA LEU B 332 8.01 -3.86 -0.10
C LEU B 332 8.94 -4.60 -1.04
N GLU B 333 8.37 -5.65 -1.66
CA GLU B 333 9.16 -6.43 -2.59
C GLU B 333 9.66 -5.56 -3.76
N GLU B 334 8.75 -4.68 -4.22
CA GLU B 334 9.10 -3.83 -5.36
C GLU B 334 10.09 -2.74 -4.93
N LEU B 335 9.94 -2.30 -3.66
CA LEU B 335 10.84 -1.29 -3.09
C LEU B 335 12.29 -1.81 -3.09
N GLN B 336 12.45 -3.10 -2.79
CA GLN B 336 13.78 -3.67 -2.77
C GLN B 336 14.37 -3.75 -4.17
N LEU B 337 13.55 -4.10 -5.15
CA LEU B 337 14.05 -4.20 -6.52
C LEU B 337 14.52 -2.83 -7.00
N PHE B 338 13.73 -1.81 -6.60
CA PHE B 338 14.06 -0.44 -6.97
C PHE B 338 15.40 0.00 -6.37
N THR B 339 15.56 -0.30 -5.07
CA THR B 339 16.79 0.07 -4.38
C THR B 339 18.00 -0.58 -5.04
N THR B 340 17.88 -1.87 -5.37
CA THR B 340 19.00 -2.56 -6.01
C THR B 340 19.32 -1.97 -7.37
N ALA B 341 18.26 -1.59 -8.09
CA ALA B 341 18.45 -0.96 -9.39
C ALA B 341 19.21 0.37 -9.28
N ILE B 342 18.76 1.21 -8.31
CA ILE B 342 19.47 2.47 -8.08
C ILE B 342 20.94 2.24 -7.70
N GLN B 343 21.18 1.17 -6.92
CA GLN B 343 22.56 0.88 -6.52
C GLN B 343 23.46 0.57 -7.72
N ARG B 344 22.88 -0.20 -8.67
CA ARG B 344 23.60 -0.54 -9.89
C ARG B 344 23.78 0.67 -10.83
N TRP B 345 22.77 1.57 -10.79
CA TRP B 345 22.83 2.81 -11.57
C TRP B 345 23.27 2.57 -13.02
N ASP B 346 22.56 1.63 -13.71
CA ASP B 346 22.83 1.38 -15.12
C ASP B 346 21.53 1.22 -15.90
N ILE B 347 21.60 0.72 -17.12
CA ILE B 347 20.38 0.51 -17.92
C ILE B 347 19.93 -0.94 -17.78
N GLU B 348 20.89 -1.82 -17.55
CA GLU B 348 20.62 -3.25 -17.40
C GLU B 348 19.54 -3.48 -16.34
N SER B 349 19.63 -2.75 -15.24
CA SER B 349 18.68 -2.89 -14.12
C SER B 349 17.19 -2.71 -14.50
N MET B 350 16.94 -2.10 -15.68
CA MET B 350 15.55 -1.97 -16.13
C MET B 350 14.83 -3.34 -16.17
N LYS B 351 15.57 -4.39 -16.58
CA LYS B 351 14.98 -5.73 -16.75
C LYS B 351 14.25 -6.21 -15.48
N GLN B 352 14.73 -5.73 -14.32
CA GLN B 352 14.25 -6.30 -13.07
C GLN B 352 13.03 -5.54 -12.55
N LEU B 353 12.69 -4.39 -13.13
CA LEU B 353 11.60 -3.57 -12.62
C LEU B 353 10.26 -3.63 -13.33
N PRO B 354 9.16 -3.51 -12.56
CA PRO B 354 7.81 -3.53 -13.14
C PRO B 354 7.62 -2.16 -13.83
N PRO B 355 6.75 -2.14 -14.86
CA PRO B 355 6.59 -0.98 -15.74
C PRO B 355 6.57 0.40 -15.03
N TYR B 356 5.78 0.55 -13.97
CA TYR B 356 5.72 1.85 -13.29
C TYR B 356 7.06 2.27 -12.68
N MET B 357 7.85 1.29 -12.25
CA MET B 357 9.17 1.60 -11.70
C MET B 357 10.22 1.82 -12.78
N GLN B 358 10.04 1.17 -13.97
CA GLN B 358 10.98 1.47 -15.06
C GLN B 358 10.90 2.92 -15.45
N ILE B 359 9.65 3.42 -15.53
CA ILE B 359 9.55 4.82 -15.93
C ILE B 359 10.00 5.82 -14.85
N CYS B 360 9.69 5.54 -13.56
CA CYS B 360 10.24 6.42 -12.53
C CYS B 360 11.77 6.36 -12.47
N TYR B 361 12.30 5.13 -12.55
CA TYR B 361 13.76 4.96 -12.51
C TYR B 361 14.44 5.70 -13.65
N LEU B 362 13.98 5.47 -14.88
CA LEU B 362 14.60 6.09 -16.05
C LEU B 362 14.43 7.61 -16.06
N ALA B 363 13.30 8.10 -15.56
CA ALA B 363 13.12 9.54 -15.48
C ALA B 363 14.19 10.17 -14.59
N LEU B 364 14.40 9.55 -13.42
CA LEU B 364 15.41 10.07 -12.50
C LEU B 364 16.84 9.99 -13.06
N PHE B 365 17.10 8.84 -13.73
CA PHE B 365 18.44 8.49 -14.17
C PHE B 365 18.90 9.40 -15.32
N ASN B 366 17.92 9.65 -16.23
CA ASN B 366 18.11 10.60 -17.31
C ASN B 366 18.23 12.05 -16.81
N PHE B 367 17.41 12.42 -15.80
CA PHE B 367 17.54 13.78 -15.26
C PHE B 367 18.92 14.00 -14.63
N VAL B 368 19.33 13.04 -13.79
CA VAL B 368 20.61 13.16 -13.11
C VAL B 368 21.80 13.08 -14.09
N ASN B 369 21.69 12.18 -15.09
CA ASN B 369 22.79 12.08 -16.06
C ASN B 369 22.89 13.35 -16.94
N GLU B 370 21.76 14.00 -17.15
CA GLU B 370 21.76 15.25 -17.91
C GLU B 370 22.46 16.35 -17.12
N MET B 371 22.18 16.42 -15.81
CA MET B 371 22.83 17.44 -14.98
C MET B 371 24.34 17.21 -14.99
N ALA B 372 24.75 15.94 -14.94
CA ALA B 372 26.17 15.61 -14.96
C ALA B 372 26.78 16.05 -16.29
N TYR B 373 26.05 15.83 -17.38
CA TYR B 373 26.56 16.22 -18.68
C TYR B 373 26.83 17.74 -18.70
N ASP B 374 25.86 18.52 -18.22
CA ASP B 374 26.02 19.97 -18.19
C ASP B 374 27.25 20.39 -17.42
N THR B 375 27.49 19.75 -16.28
CA THR B 375 28.65 20.07 -15.46
C THR B 375 29.97 19.68 -16.15
N LEU B 376 29.95 18.54 -16.84
CA LEU B 376 31.14 18.09 -17.56
C LEU B 376 31.44 19.10 -18.68
N ARG B 377 30.39 19.49 -19.39
CA ARG B 377 30.50 20.45 -20.49
C ARG B 377 30.99 21.83 -20.05
N ASP B 378 30.31 22.40 -19.05
CA ASP B 378 30.62 23.76 -18.61
C ASP B 378 31.89 23.85 -17.74
N LYS B 379 32.15 22.80 -16.94
CA LYS B 379 33.20 22.97 -15.94
C LYS B 379 34.29 21.89 -16.02
N GLY B 380 34.16 21.00 -17.02
CA GLY B 380 35.15 19.96 -17.19
C GLY B 380 35.35 19.16 -15.91
N PHE B 381 34.27 18.90 -15.18
CA PHE B 381 34.35 18.08 -13.98
C PHE B 381 33.34 16.95 -14.08
N ASP B 382 33.74 15.75 -13.67
CA ASP B 382 32.85 14.59 -13.71
C ASP B 382 32.15 14.36 -12.36
N SER B 383 30.88 14.79 -12.28
CA SER B 383 30.19 14.73 -10.99
C SER B 383 29.42 13.41 -10.78
N THR B 384 29.55 12.47 -11.72
CA THR B 384 28.70 11.26 -11.64
C THR B 384 28.78 10.47 -10.30
N PRO B 385 30.02 10.16 -9.82
CA PRO B 385 30.24 9.47 -8.56
C PRO B 385 29.50 10.13 -7.38
N TYR B 386 29.64 11.46 -7.33
CA TYR B 386 29.00 12.21 -6.27
C TYR B 386 27.48 12.18 -6.42
N LEU B 387 26.97 12.42 -7.64
CA LEU B 387 25.53 12.42 -7.84
C LEU B 387 24.95 11.04 -7.54
N ARG B 388 25.65 10.02 -8.05
CA ARG B 388 25.23 8.66 -7.81
C ARG B 388 25.18 8.33 -6.31
N LYS B 389 26.22 8.82 -5.59
CA LYS B 389 26.29 8.72 -4.13
C LYS B 389 25.04 9.26 -3.41
N VAL B 390 24.66 10.51 -3.71
CA VAL B 390 23.56 11.11 -2.95
C VAL B 390 22.19 10.47 -3.28
N TRP B 391 21.97 10.12 -4.56
CA TRP B 391 20.69 9.47 -4.92
C TRP B 391 20.60 8.03 -4.40
N VAL B 392 21.76 7.34 -4.38
CA VAL B 392 21.76 6.01 -3.77
C VAL B 392 21.43 6.08 -2.29
N GLY B 393 22.06 7.06 -1.62
CA GLY B 393 21.83 7.24 -0.19
C GLY B 393 20.38 7.58 0.11
N LEU B 394 19.77 8.43 -0.74
CA LEU B 394 18.39 8.80 -0.48
C LEU B 394 17.50 7.57 -0.59
N ILE B 395 17.65 6.85 -1.71
CA ILE B 395 16.80 5.70 -1.92
C ILE B 395 16.94 4.66 -0.80
N GLU B 396 18.21 4.37 -0.41
CA GLU B 396 18.45 3.38 0.66
C GLU B 396 17.85 3.82 2.01
N SER B 397 17.79 5.13 2.25
CA SER B 397 17.20 5.59 3.50
C SER B 397 15.68 5.46 3.43
N TYR B 398 15.12 5.51 2.22
CA TYR B 398 13.69 5.32 2.06
C TYR B 398 13.39 3.86 2.40
N LEU B 399 14.23 2.96 1.89
CA LEU B 399 14.03 1.53 2.14
C LEU B 399 14.15 1.19 3.61
N ILE B 400 15.06 1.88 4.30
CA ILE B 400 15.25 1.66 5.74
C ILE B 400 13.95 1.99 6.47
N GLU B 401 13.33 3.10 6.12
CA GLU B 401 12.08 3.49 6.75
C GLU B 401 10.88 2.62 6.33
N ALA B 402 10.89 2.14 5.05
CA ALA B 402 9.81 1.22 4.65
C ALA B 402 9.88 -0.10 5.44
N LYS B 403 11.11 -0.55 5.67
CA LYS B 403 11.28 -1.79 6.42
C LYS B 403 10.86 -1.62 7.88
N TRP B 404 11.25 -0.50 8.48
CA TRP B 404 10.87 -0.24 9.87
C TRP B 404 9.34 -0.32 9.99
N TYR B 405 8.65 0.41 9.12
CA TYR B 405 7.18 0.45 9.13
C TYR B 405 6.58 -0.95 8.99
N TYR B 406 7.13 -1.73 8.02
CA TYR B 406 6.60 -3.08 7.79
C TYR B 406 6.86 -4.03 8.97
N LYS B 407 8.04 -3.84 9.61
CA LYS B 407 8.42 -4.72 10.71
C LYS B 407 7.87 -4.23 12.06
N GLY B 408 7.27 -3.02 12.04
CA GLY B 408 6.72 -2.45 13.27
C GLY B 408 7.79 -1.91 14.22
N HIS B 409 8.96 -1.56 13.63
CA HIS B 409 10.13 -1.14 14.42
C HIS B 409 10.02 0.31 14.86
N LYS B 410 10.21 0.53 16.14
CA LYS B 410 10.12 1.89 16.58
C LYS B 410 11.49 2.39 16.98
N PRO B 411 12.14 3.01 16.01
CA PRO B 411 13.50 3.51 16.13
C PRO B 411 13.61 4.54 17.25
N SER B 412 14.74 4.43 17.94
CA SER B 412 15.16 5.48 18.86
C SER B 412 15.18 6.86 18.18
N LEU B 413 14.95 7.90 19.00
CA LEU B 413 15.11 9.25 18.48
C LEU B 413 16.44 9.40 17.75
N GLU B 414 17.50 8.84 18.35
CA GLU B 414 18.82 8.92 17.74
C GLU B 414 18.93 8.06 16.48
N GLU B 415 18.44 6.79 16.58
CA GLU B 415 18.43 5.91 15.40
C GLU B 415 17.63 6.55 14.28
N TYR B 416 16.46 7.13 14.68
CA TYR B 416 15.59 7.77 13.70
C TYR B 416 16.28 8.95 13.04
N MET B 417 16.84 9.85 13.85
CA MET B 417 17.51 11.02 13.33
C MET B 417 18.70 10.74 12.44
N LYS B 418 19.40 9.64 12.71
CA LYS B 418 20.55 9.27 11.88
C LYS B 418 20.12 9.01 10.43
N ASN B 419 18.88 8.46 10.30
CA ASN B 419 18.31 8.23 8.98
C ASN B 419 17.49 9.40 8.42
N SER B 420 16.81 10.16 9.32
CA SER B 420 15.78 11.12 8.86
C SER B 420 16.40 12.37 8.20
N TRP B 421 17.67 12.70 8.46
CA TRP B 421 18.23 13.87 7.80
C TRP B 421 18.66 13.50 6.39
N ILE B 422 18.62 12.20 6.09
CA ILE B 422 18.96 11.69 4.77
C ILE B 422 17.65 11.48 3.99
N SER B 423 16.66 10.87 4.64
CA SER B 423 15.39 10.58 3.97
C SER B 423 14.57 11.82 3.62
N ILE B 424 14.91 12.97 4.22
CA ILE B 424 14.19 14.21 3.94
C ILE B 424 14.48 14.69 2.50
N GLY B 425 15.52 14.15 1.89
CA GLY B 425 15.83 14.52 0.52
C GLY B 425 16.49 15.86 0.30
N GLY B 426 17.22 16.35 1.30
CA GLY B 426 17.91 17.60 1.16
C GLY B 426 19.27 17.45 0.50
N ILE B 427 19.96 16.33 0.71
CA ILE B 427 21.28 16.15 0.09
C ILE B 427 21.30 16.25 -1.44
N PRO B 428 20.35 15.60 -2.15
CA PRO B 428 20.38 15.70 -3.61
C PRO B 428 20.19 17.16 -4.05
N ILE B 429 19.41 17.91 -3.28
CA ILE B 429 19.21 19.33 -3.60
C ILE B 429 20.55 20.06 -3.50
N LEU B 430 21.21 19.90 -2.37
CA LEU B 430 22.48 20.58 -2.14
C LEU B 430 23.60 20.08 -3.05
N SER B 431 23.63 18.79 -3.36
CA SER B 431 24.66 18.24 -4.25
C SER B 431 24.53 18.83 -5.65
N HIS B 432 23.34 18.74 -6.25
CA HIS B 432 23.18 19.27 -7.60
C HIS B 432 23.48 20.78 -7.63
N LEU B 433 23.05 21.52 -6.61
CA LEU B 433 23.31 22.96 -6.58
C LEU B 433 24.79 23.30 -6.34
N PHE B 434 25.49 22.40 -5.60
CA PHE B 434 26.94 22.59 -5.39
C PHE B 434 27.69 22.63 -6.72
N PHE B 435 27.37 21.67 -7.60
CA PHE B 435 28.01 21.61 -8.90
C PHE B 435 27.62 22.79 -9.81
N ARG B 436 26.37 23.26 -9.65
CA ARG B 436 25.89 24.36 -10.50
C ARG B 436 26.45 25.72 -10.06
N LEU B 437 26.50 25.91 -8.71
CA LEU B 437 26.74 27.25 -8.15
C LEU B 437 28.18 27.44 -7.71
N THR B 438 29.03 26.46 -8.04
CA THR B 438 30.47 26.63 -7.83
C THR B 438 31.24 26.81 -9.16
N ASP B 439 32.00 27.92 -9.25
CA ASP B 439 32.65 28.27 -10.52
C ASP B 439 33.71 27.26 -11.02
N SER B 440 34.68 26.99 -10.14
CA SER B 440 35.72 26.04 -10.44
C SER B 440 35.66 24.88 -9.48
N ILE B 441 35.47 23.70 -10.04
CA ILE B 441 35.22 22.58 -9.17
C ILE B 441 36.48 21.78 -8.91
N GLU B 442 36.87 21.75 -7.61
CA GLU B 442 38.03 20.97 -7.23
C GLU B 442 37.64 19.65 -6.57
N GLU B 443 38.33 18.56 -6.89
CA GLU B 443 37.98 17.28 -6.29
C GLU B 443 37.94 17.38 -4.77
N GLU B 444 38.85 18.14 -4.18
CA GLU B 444 38.90 18.27 -2.74
C GLU B 444 37.65 18.94 -2.17
N ALA B 445 37.12 19.93 -2.89
CA ALA B 445 35.91 20.62 -2.46
C ALA B 445 34.70 19.68 -2.56
N ALA B 446 34.61 18.94 -3.66
CA ALA B 446 33.51 18.00 -3.86
C ALA B 446 33.50 16.96 -2.76
N GLU B 447 34.68 16.44 -2.43
CA GLU B 447 34.80 15.43 -1.39
C GLU B 447 34.36 16.00 -0.04
N SER B 448 34.76 17.23 0.24
CA SER B 448 34.40 17.90 1.49
C SER B 448 32.89 18.03 1.66
N MET B 449 32.21 18.48 0.62
CA MET B 449 30.77 18.66 0.70
C MET B 449 30.06 17.31 0.86
N HIS B 450 30.55 16.32 0.07
CA HIS B 450 29.89 15.02 0.03
C HIS B 450 30.33 14.04 1.15
N LYS B 451 31.12 14.56 2.11
CA LYS B 451 31.64 13.81 3.28
C LYS B 451 30.64 13.07 4.22
N TYR B 452 29.56 13.74 4.72
CA TYR B 452 29.07 15.03 4.28
C TYR B 452 29.48 16.13 5.27
N HIS B 453 29.78 17.31 4.70
CA HIS B 453 30.09 18.46 5.54
C HIS B 453 28.97 18.73 6.56
N ASP B 454 29.41 19.23 7.74
CA ASP B 454 28.46 19.76 8.73
C ASP B 454 27.46 20.80 8.20
N ILE B 455 27.86 21.64 7.22
CA ILE B 455 26.87 22.62 6.78
C ILE B 455 25.70 21.96 6.05
N VAL B 456 26.04 20.83 5.35
CA VAL B 456 24.99 20.08 4.64
C VAL B 456 24.09 19.36 5.63
N ARG B 457 24.72 18.75 6.64
CA ARG B 457 23.94 18.04 7.64
C ARG B 457 23.01 18.98 8.41
N ALA B 458 23.52 20.14 8.78
CA ALA B 458 22.71 21.12 9.52
C ALA B 458 21.54 21.59 8.65
N SER B 459 21.80 21.83 7.38
CA SER B 459 20.74 22.29 6.48
C SER B 459 19.62 21.25 6.41
N CYS B 460 19.99 20.01 6.13
CA CYS B 460 19.05 18.91 5.99
C CYS B 460 18.33 18.55 7.29
N THR B 461 18.99 18.80 8.43
CA THR B 461 18.40 18.52 9.74
C THR B 461 17.28 19.50 10.06
N ILE B 462 17.50 20.77 9.76
CA ILE B 462 16.49 21.78 10.01
C ILE B 462 15.32 21.50 9.06
N LEU B 463 15.66 21.12 7.84
CA LEU B 463 14.66 20.79 6.83
C LEU B 463 13.77 19.68 7.36
N ARG B 464 14.41 18.63 7.87
CA ARG B 464 13.67 17.49 8.44
C ARG B 464 12.87 17.87 9.68
N LEU B 465 13.49 18.56 10.63
CA LEU B 465 12.79 18.92 11.86
C LEU B 465 11.57 19.83 11.60
N ALA B 466 11.78 20.88 10.80
CA ALA B 466 10.64 21.70 10.40
C ALA B 466 9.49 20.89 9.75
N ASP B 467 9.87 19.97 8.83
CA ASP B 467 8.87 19.07 8.23
C ASP B 467 8.12 18.26 9.29
N ASP B 468 8.88 17.62 10.22
CA ASP B 468 8.23 16.79 11.25
C ASP B 468 7.28 17.61 12.13
N MET B 469 7.68 18.86 12.41
CA MET B 469 6.84 19.67 13.29
C MET B 469 5.55 20.13 12.61
N GLY B 470 5.35 19.72 11.33
CA GLY B 470 4.13 20.14 10.62
C GLY B 470 2.96 19.16 10.85
N VAL B 481 4.46 5.29 11.70
CA VAL B 481 5.53 5.99 10.99
C VAL B 481 6.41 6.76 11.97
N PRO B 482 7.71 6.40 12.04
CA PRO B 482 8.65 7.08 12.94
C PRO B 482 8.78 8.57 12.64
N LYS B 483 8.61 9.40 13.68
CA LYS B 483 8.77 10.87 13.58
C LYS B 483 9.54 11.50 14.77
N SER B 484 10.10 12.74 14.57
CA SER B 484 10.86 13.37 15.65
C SER B 484 10.08 13.45 16.96
N VAL B 485 8.93 14.17 16.91
CA VAL B 485 8.11 14.29 18.12
C VAL B 485 7.61 12.93 18.59
N GLN B 486 7.00 12.18 17.66
CA GLN B 486 6.48 10.87 18.07
C GLN B 486 7.54 9.92 18.66
N CYS B 487 8.76 9.91 18.06
CA CYS B 487 9.77 8.97 18.55
C CYS B 487 10.46 9.47 19.83
N TYR B 488 10.20 10.75 20.16
CA TYR B 488 10.77 11.27 21.39
C TYR B 488 9.81 10.96 22.53
N MET B 489 8.52 10.99 22.15
CA MET B 489 7.42 10.61 23.00
C MET B 489 7.48 9.13 23.40
N ASN B 490 7.91 8.29 22.44
CA ASN B 490 8.21 6.91 22.81
C ASN B 490 9.34 6.83 23.82
N GLU B 491 10.52 7.23 23.29
CA GLU B 491 11.82 6.88 23.89
C GLU B 491 11.84 7.12 25.40
N LYS B 492 11.29 8.31 25.69
CA LYS B 492 11.55 8.86 27.01
C LYS B 492 10.26 9.07 27.84
N ASN B 493 9.12 8.57 27.30
CA ASN B 493 7.84 8.60 28.04
C ASN B 493 7.09 9.96 28.06
N ALA B 494 7.67 11.02 27.40
CA ALA B 494 7.23 12.43 27.60
C ALA B 494 6.05 12.85 26.67
N SER B 495 5.55 14.12 26.79
CA SER B 495 4.28 14.49 26.08
C SER B 495 4.50 15.17 24.71
N GLU B 496 3.40 15.49 23.97
CA GLU B 496 3.57 16.23 22.71
C GLU B 496 4.29 17.53 22.96
N GLU B 497 3.87 18.16 24.06
CA GLU B 497 4.44 19.45 24.40
C GLU B 497 5.91 19.35 24.72
N GLU B 498 6.28 18.30 25.51
CA GLU B 498 7.70 18.17 25.87
C GLU B 498 8.52 17.80 24.64
N ALA B 499 7.96 16.93 23.82
CA ALA B 499 8.63 16.49 22.60
C ALA B 499 8.79 17.64 21.62
N ARG B 500 7.73 18.47 21.53
CA ARG B 500 7.79 19.66 20.69
C ARG B 500 8.82 20.70 21.20
N GLU B 501 8.89 20.90 22.55
CA GLU B 501 9.91 21.81 23.04
C GLU B 501 11.32 21.28 22.75
N HIS B 502 11.46 19.95 22.88
CA HIS B 502 12.77 19.35 22.61
C HIS B 502 13.19 19.53 21.15
N VAL B 503 12.23 19.28 20.25
CA VAL B 503 12.54 19.47 18.83
C VAL B 503 12.87 20.92 18.51
N ARG B 504 12.02 21.84 19.01
CA ARG B 504 12.28 23.25 18.81
C ARG B 504 13.70 23.60 19.26
N SER B 505 14.05 23.08 20.44
CA SER B 505 15.38 23.26 20.98
C SER B 505 16.50 22.69 20.06
N LEU B 506 16.20 21.55 19.39
CA LEU B 506 17.16 21.01 18.40
C LEU B 506 17.33 21.95 17.22
N ILE B 507 16.18 22.49 16.77
CA ILE B 507 16.23 23.50 15.73
C ILE B 507 17.10 24.71 16.09
N ASP B 508 16.84 25.31 17.28
CA ASP B 508 17.73 26.39 17.74
C ASP B 508 19.19 25.95 17.70
N GLN B 509 19.42 24.73 18.24
CA GLN B 509 20.78 24.22 18.31
C GLN B 509 21.39 24.03 16.92
N THR B 510 20.59 23.52 15.98
CA THR B 510 21.10 23.27 14.65
C THR B 510 21.39 24.57 13.89
N TRP B 511 20.59 25.60 14.12
CA TRP B 511 20.83 26.87 13.45
C TRP B 511 22.15 27.47 13.93
N LYS B 512 22.48 27.28 15.21
CA LYS B 512 23.73 27.80 15.75
C LYS B 512 24.89 27.11 15.05
N MET B 513 24.73 25.81 14.78
CA MET B 513 25.74 25.03 14.07
C MET B 513 25.88 25.55 12.64
N MET B 514 24.73 25.80 12.01
CA MET B 514 24.71 26.33 10.65
C MET B 514 25.46 27.67 10.57
N ASN B 515 25.13 28.58 11.48
CA ASN B 515 25.79 29.88 11.49
C ASN B 515 27.29 29.73 11.61
N LYS B 516 27.73 28.84 12.49
CA LYS B 516 29.17 28.61 12.68
C LYS B 516 29.80 28.18 11.36
N GLU B 517 29.14 27.26 10.67
CA GLU B 517 29.64 26.78 9.39
C GLU B 517 29.61 27.89 8.34
N MET B 518 28.57 28.71 8.34
CA MET B 518 28.49 29.79 7.38
C MET B 518 29.69 30.75 7.54
N MET B 519 30.11 30.96 8.78
CA MET B 519 31.22 31.85 9.05
C MET B 519 32.55 31.22 8.63
N THR B 520 32.56 29.89 8.52
CA THR B 520 33.87 29.26 8.30
C THR B 520 33.97 28.51 6.97
N SER B 521 32.95 28.68 6.11
CA SER B 521 32.88 27.86 4.91
C SER B 521 34.01 28.18 3.93
N SER B 522 34.43 27.13 3.22
CA SER B 522 35.35 27.31 2.11
C SER B 522 34.61 27.26 0.78
N PHE B 523 33.28 26.99 0.87
CA PHE B 523 32.46 26.87 -0.33
C PHE B 523 32.06 28.24 -0.89
N SER B 524 31.58 28.24 -2.14
CA SER B 524 31.17 29.47 -2.78
C SER B 524 30.06 30.18 -2.01
N LYS B 525 30.07 31.52 -2.13
CA LYS B 525 29.03 32.29 -1.47
C LYS B 525 27.62 31.81 -1.80
N TYR B 526 27.37 31.53 -3.10
CA TYR B 526 26.03 31.06 -3.51
C TYR B 526 25.62 29.76 -2.82
N PHE B 527 26.60 28.83 -2.69
CA PHE B 527 26.27 27.53 -2.08
C PHE B 527 25.95 27.66 -0.60
N VAL B 528 26.69 28.53 0.10
CA VAL B 528 26.44 28.75 1.52
C VAL B 528 25.02 29.31 1.64
N GLU B 529 24.64 30.19 0.70
CA GLU B 529 23.31 30.78 0.65
C GLU B 529 22.19 29.74 0.50
N VAL B 530 22.30 28.89 -0.55
CA VAL B 530 21.21 27.91 -0.73
C VAL B 530 21.17 26.88 0.41
N SER B 531 22.34 26.67 1.07
CA SER B 531 22.36 25.79 2.24
C SER B 531 21.52 26.36 3.39
N ALA B 532 21.73 27.67 3.64
CA ALA B 532 20.93 28.34 4.66
C ALA B 532 19.49 28.52 4.20
N ASN B 533 19.31 28.87 2.94
CA ASN B 533 17.96 29.13 2.43
C ASN B 533 17.09 27.87 2.29
N LEU B 534 17.77 26.70 2.11
CA LEU B 534 16.99 25.45 2.14
C LEU B 534 16.33 25.22 3.49
N ALA B 535 17.10 25.50 4.56
CA ALA B 535 16.57 25.42 5.91
C ALA B 535 15.48 26.49 6.16
N ARG B 536 15.77 27.71 5.74
CA ARG B 536 14.81 28.79 5.88
C ARG B 536 13.51 28.46 5.16
N MET B 537 13.60 28.02 3.91
CA MET B 537 12.39 27.73 3.16
C MET B 537 11.52 26.68 3.85
N ALA B 538 12.14 25.70 4.48
CA ALA B 538 11.37 24.70 5.19
C ALA B 538 10.64 25.35 6.35
N GLN B 539 11.32 26.32 6.99
CA GLN B 539 10.66 26.96 8.12
C GLN B 539 9.53 27.89 7.66
N TRP B 540 9.62 28.28 6.37
CA TRP B 540 8.57 29.11 5.79
C TRP B 540 7.35 28.28 5.39
N ILE B 541 7.61 27.16 4.67
CA ILE B 541 6.50 26.29 4.23
C ILE B 541 5.75 25.70 5.43
N TYR B 542 6.53 25.34 6.47
CA TYR B 542 5.93 24.72 7.65
C TYR B 542 5.81 25.70 8.83
N GLN B 543 5.66 26.99 8.51
CA GLN B 543 5.56 28.02 9.54
C GLN B 543 4.35 27.76 10.43
N HIS B 544 4.38 28.32 11.64
CA HIS B 544 3.29 28.14 12.60
C HIS B 544 3.11 26.65 12.84
N GLU B 545 4.15 25.88 12.52
CA GLU B 545 4.15 24.44 12.68
C GLU B 545 2.95 23.78 12.00
N SER B 546 2.69 24.19 10.75
CA SER B 546 1.58 23.65 9.97
C SER B 546 2.08 22.75 8.85
N ASP B 547 1.16 21.98 8.26
CA ASP B 547 1.50 21.03 7.18
C ASP B 547 1.80 21.64 5.81
N GLY B 548 1.94 22.96 5.75
CA GLY B 548 2.29 23.61 4.50
C GLY B 548 1.29 23.31 3.38
N PHE B 549 1.69 22.39 2.47
CA PHE B 549 0.85 22.18 1.33
C PHE B 549 -0.19 21.09 1.57
N GLN B 552 -4.68 21.15 0.56
CA GLN B 552 -5.15 21.84 -0.63
C GLN B 552 -5.92 23.12 -0.27
N HIS B 553 -5.61 24.17 -1.05
CA HIS B 553 -6.29 25.46 -0.86
C HIS B 553 -5.97 26.02 0.52
N SER B 554 -4.65 26.23 0.70
CA SER B 554 -4.10 26.47 2.03
C SER B 554 -3.77 27.95 2.22
N LEU B 555 -3.17 28.20 3.37
CA LEU B 555 -2.60 29.49 3.64
C LEU B 555 -1.33 29.74 2.82
N VAL B 556 -0.47 28.71 2.73
CA VAL B 556 0.75 28.81 1.94
C VAL B 556 0.45 28.76 0.44
N ASN B 557 -0.69 28.13 0.12
CA ASN B 557 -1.16 28.18 -1.26
C ASN B 557 -1.63 29.58 -1.66
N LYS B 558 -2.24 30.28 -0.69
CA LYS B 558 -2.62 31.66 -0.96
C LYS B 558 -1.40 32.60 -1.10
N MET B 559 -0.35 32.34 -0.28
CA MET B 559 0.93 33.01 -0.46
C MET B 559 1.56 32.64 -1.80
N LEU B 560 1.41 31.34 -2.15
CA LEU B 560 1.94 30.86 -3.42
C LEU B 560 1.34 31.65 -4.60
N ARG B 561 -0.01 31.71 -4.64
CA ARG B 561 -0.66 32.51 -5.66
C ARG B 561 -0.23 33.98 -5.65
N ASP B 562 -0.14 34.58 -4.43
CA ASP B 562 0.25 36.00 -4.36
C ASP B 562 1.63 36.24 -4.98
N LEU B 563 2.53 35.29 -4.74
CA LEU B 563 3.90 35.51 -5.22
C LEU B 563 4.05 35.19 -6.70
N LEU B 564 3.35 34.12 -7.15
CA LEU B 564 3.55 33.69 -8.54
C LEU B 564 2.48 34.24 -9.54
N PHE B 565 1.25 34.47 -9.10
CA PHE B 565 0.22 34.90 -10.05
C PHE B 565 -0.33 36.32 -9.93
N HIS B 566 -0.40 36.83 -8.71
CA HIS B 566 -0.96 38.16 -8.47
C HIS B 566 0.04 39.32 -8.44
N ARG B 567 -0.13 40.26 -9.36
CA ARG B 567 0.73 41.44 -9.44
C ARG B 567 0.57 42.26 -8.17
N TYR B 568 1.69 42.88 -7.74
CA TYR B 568 1.58 43.82 -6.62
C TYR B 568 1.06 45.16 -7.11
N GLU B 569 -0.24 45.39 -6.81
CA GLU B 569 -0.88 46.62 -7.27
C GLU B 569 -0.44 47.83 -6.45
#